data_9L4N
#
_entry.id   9L4N
#
_cell.length_a   1.00
_cell.length_b   1.00
_cell.length_c   1.00
_cell.angle_alpha   90.00
_cell.angle_beta   90.00
_cell.angle_gamma   90.00
#
_symmetry.space_group_name_H-M   'P 1'
#
loop_
_entity.id
_entity.type
_entity.pdbx_description
1 polymer 'NADP-dependent malic enzyme'
2 non-polymer 'NADP NICOTINAMIDE-ADENINE-DINUCLEOTIDE PHOSPHATE'
3 non-polymer 'ACETYL COENZYME *A'
4 non-polymer 'MAGNESIUM ION'
5 water water
#
_entity_poly.entity_id   1
_entity_poly.type   'polypeptide(L)'
_entity_poly.pdbx_seq_one_letter_code
;MDDQLKQSALDFHEFPVPGKIQVSPTKPLATQRDLALAYSPGVAAPCLEIEKDPLKAYKYTARGNLVAVISNGTAVLGLG
NIGALAGKPVMEGKGVLFKKFAGIDVFDIEVDELDPDKFIEVVAALEPTFGGINLEDIKAPECFYIEQKLRERMNIPVFH
DDQHGTAIISTAAILNGLRVVEKNISDVRMVVSGAGAAAIACMNLLVALGLQKHNIVVCDSKGVIYQGREPNMAETKAAY
AVVDDGKRTLDDVIEGADIFLGCSGPKVLTQEMVKKMARAPMILALANPEPEILPPLAKEVRPDAIICTGRSDYPNQVNN
VLCFPFIFRGALDVGATAINEEMKLAAVRAIAELAHAEQSEVVASAYGDQDLSFGPEYIIPKPFDPRLIVKIAPAVAKAA
MESGVATRPIADFDVYIDKLTEFVYKTNLFMKPIFSQARKAPKRVVLPEGEEARVLHATQELVTLGLAKPILIGRPNVIE
MRIQKLGLQIKAGVDFEIVNNESDPRFKEYWTEYFQIMKRRGVTQEQAQRALISNPTVIGAIMVQRGEADAMICGTVGDY
HEHFSVVKNVFGYRDGVHTAGAMNALLLPSGNTFIADTYVNDEPDAEELAEITLMAAETVRRFGIEPRVALLSHSNFGSS
DCPSSSKMRQALELVRERAPELMIDGEMHGDAALVEAIRNDRMPDSSLKGSANILVMPNMEAARISYNLLRVSSSEGVTV
GPVLMGVAKPVHVLTPIASVRRIVNMVALAVVEAQTQPL
;
_entity_poly.pdbx_strand_id   A
#
loop_
_chem_comp.id
_chem_comp.type
_chem_comp.name
_chem_comp.formula
ACO non-polymer 'ACETYL COENZYME *A' 'C23 H38 N7 O17 P3 S'
MG non-polymer 'MAGNESIUM ION' 'Mg 2'
NAP non-polymer 'NADP NICOTINAMIDE-ADENINE-DINUCLEOTIDE PHOSPHATE' 'C21 H28 N7 O17 P3'
#
# COMPACT_ATOMS: atom_id res chain seq x y z
N ASP A 2 13.76 -7.05 -19.62
CA ASP A 2 14.44 -7.11 -18.33
C ASP A 2 15.35 -5.91 -18.11
N ASP A 3 15.96 -5.43 -19.19
CA ASP A 3 16.92 -4.33 -19.08
C ASP A 3 16.26 -3.06 -18.55
N GLN A 4 15.06 -2.74 -19.03
CA GLN A 4 14.36 -1.56 -18.55
C GLN A 4 14.01 -1.70 -17.08
N LEU A 5 13.47 -2.85 -16.68
CA LEU A 5 13.16 -3.09 -15.28
C LEU A 5 14.43 -3.12 -14.44
N LYS A 6 15.51 -3.69 -14.97
CA LYS A 6 16.77 -3.72 -14.25
C LYS A 6 17.27 -2.30 -13.98
N GLN A 7 17.22 -1.43 -14.99
CA GLN A 7 17.66 -0.05 -14.80
C GLN A 7 16.74 0.68 -13.83
N SER A 8 15.43 0.47 -13.94
CA SER A 8 14.49 1.14 -13.03
C SER A 8 14.75 0.72 -11.59
N ALA A 9 14.93 -0.57 -11.34
CA ALA A 9 15.19 -1.04 -9.98
C ALA A 9 16.55 -0.56 -9.48
N LEU A 10 17.56 -0.57 -10.36
CA LEU A 10 18.89 -0.09 -9.97
C LEU A 10 18.85 1.39 -9.60
N ASP A 11 18.14 2.19 -10.40
CA ASP A 11 18.01 3.61 -10.12
C ASP A 11 16.88 3.92 -9.15
N PHE A 12 16.13 2.92 -8.69
CA PHE A 12 15.04 3.17 -7.76
C PHE A 12 15.55 3.84 -6.49
N HIS A 13 16.55 3.24 -5.84
CA HIS A 13 17.33 3.93 -4.81
C HIS A 13 18.82 3.67 -5.05
N GLU A 14 19.40 4.42 -5.98
CA GLU A 14 20.85 4.54 -6.07
C GLU A 14 21.30 5.98 -6.24
N PHE A 15 20.58 6.78 -7.01
CA PHE A 15 20.97 8.14 -7.35
C PHE A 15 20.71 9.11 -6.19
N PRO A 16 19.45 9.28 -5.71
CA PRO A 16 19.21 10.32 -4.71
C PRO A 16 19.92 10.04 -3.40
N VAL A 17 19.60 8.91 -2.79
CA VAL A 17 20.25 8.43 -1.58
C VAL A 17 20.38 6.91 -1.69
N PRO A 18 21.52 6.32 -1.36
CA PRO A 18 21.61 4.86 -1.31
C PRO A 18 20.75 4.30 -0.18
N GLY A 19 20.28 3.08 -0.39
CA GLY A 19 19.50 2.38 0.62
C GLY A 19 18.03 2.71 0.56
N LYS A 20 17.28 2.05 1.45
CA LYS A 20 15.83 2.20 1.50
C LYS A 20 15.29 2.48 2.89
N ILE A 21 16.14 2.47 3.93
CA ILE A 21 15.72 2.76 5.29
C ILE A 21 16.77 3.68 5.93
N GLN A 22 16.36 4.31 7.03
CA GLN A 22 17.25 5.14 7.81
C GLN A 22 16.78 5.12 9.26
N VAL A 23 17.66 5.51 10.17
CA VAL A 23 17.37 5.55 11.59
C VAL A 23 17.07 7.00 11.97
N SER A 24 15.92 7.20 12.62
CA SER A 24 15.48 8.52 13.02
C SER A 24 15.00 8.51 14.47
N PRO A 25 15.35 9.54 15.24
CA PRO A 25 14.86 9.63 16.61
C PRO A 25 13.40 10.04 16.66
N THR A 26 12.76 9.75 17.80
CA THR A 26 11.36 10.06 18.00
C THR A 26 11.11 11.09 19.09
N LYS A 27 12.16 11.59 19.74
CA LYS A 27 12.02 12.57 20.80
C LYS A 27 12.98 13.73 20.55
N PRO A 28 12.65 14.94 21.02
CA PRO A 28 13.51 16.09 20.76
C PRO A 28 14.60 16.25 21.81
N LEU A 29 15.69 16.89 21.37
CA LEU A 29 16.81 17.19 22.27
C LEU A 29 17.48 18.49 21.79
N ALA A 30 17.06 19.61 22.38
CA ALA A 30 17.83 20.85 22.25
C ALA A 30 17.58 21.71 23.49
N THR A 31 18.43 21.52 24.51
CA THR A 31 18.42 22.30 25.74
C THR A 31 19.48 21.80 26.72
N GLN A 32 19.62 22.47 27.86
CA GLN A 32 20.38 21.96 28.98
C GLN A 32 19.43 21.65 30.14
N ARG A 33 19.99 21.06 31.19
CA ARG A 33 19.29 20.58 32.40
C ARG A 33 18.50 19.31 32.07
N ASP A 34 18.38 18.98 30.79
CA ASP A 34 17.84 17.69 30.40
C ASP A 34 18.93 16.65 30.25
N LEU A 35 20.15 17.08 29.90
CA LEU A 35 21.28 16.18 29.91
C LEU A 35 21.64 15.77 31.33
N ALA A 36 21.37 16.63 32.32
CA ALA A 36 21.57 16.26 33.71
C ALA A 36 20.63 15.15 34.16
N LEU A 37 19.49 15.00 33.48
CA LEU A 37 18.53 13.95 33.78
C LEU A 37 18.55 12.79 32.79
N ALA A 38 18.71 13.08 31.50
CA ALA A 38 18.81 12.02 30.50
C ALA A 38 20.15 11.28 30.55
N TYR A 39 21.16 11.86 31.23
CA TYR A 39 22.46 11.22 31.33
C TYR A 39 22.90 11.10 32.79
N SER A 40 24.19 10.79 33.00
CA SER A 40 24.82 10.34 34.23
C SER A 40 24.23 10.92 35.52
N PRO A 41 24.13 12.26 35.68
CA PRO A 41 23.61 12.77 36.96
C PRO A 41 22.21 12.29 37.30
N GLY A 42 21.35 12.12 36.30
CA GLY A 42 19.98 11.71 36.55
C GLY A 42 19.65 10.31 36.08
N VAL A 43 20.39 9.80 35.09
CA VAL A 43 20.11 8.48 34.53
C VAL A 43 20.40 7.36 35.53
N ALA A 44 21.02 7.67 36.67
CA ALA A 44 21.26 6.65 37.68
C ALA A 44 19.96 6.19 38.33
N ALA A 45 19.00 7.11 38.49
CA ALA A 45 17.73 6.76 39.12
C ALA A 45 16.95 5.70 38.35
N PRO A 46 16.76 5.80 37.02
CA PRO A 46 16.10 4.69 36.32
C PRO A 46 16.84 3.37 36.44
N CYS A 47 18.17 3.39 36.40
CA CYS A 47 18.94 2.15 36.43
C CYS A 47 18.75 1.40 37.74
N LEU A 48 18.76 2.11 38.86
CA LEU A 48 18.61 1.45 40.16
C LEU A 48 17.21 0.86 40.33
N GLU A 49 16.23 1.37 39.58
CA GLU A 49 14.88 0.81 39.65
C GLU A 49 14.79 -0.54 38.96
N ILE A 50 15.43 -0.67 37.79
CA ILE A 50 15.43 -1.95 37.08
C ILE A 50 16.20 -3.01 37.88
N GLU A 51 17.28 -2.59 38.56
CA GLU A 51 18.02 -3.55 39.38
C GLU A 51 17.16 -4.14 40.47
N LYS A 52 16.36 -3.31 41.14
CA LYS A 52 15.45 -3.82 42.17
C LYS A 52 14.28 -4.59 41.54
N ASP A 53 13.68 -4.02 40.49
CA ASP A 53 12.55 -4.64 39.81
C ASP A 53 12.88 -4.84 38.34
N PRO A 54 13.32 -6.01 37.93
CA PRO A 54 13.64 -6.22 36.50
C PRO A 54 12.46 -6.02 35.58
N LEU A 55 11.24 -6.22 36.07
CA LEU A 55 10.04 -6.06 35.25
C LEU A 55 9.74 -4.60 34.92
N LYS A 56 10.43 -3.66 35.56
CA LYS A 56 10.21 -2.24 35.33
C LYS A 56 10.95 -1.71 34.12
N ALA A 57 11.57 -2.58 33.32
CA ALA A 57 12.31 -2.15 32.15
C ALA A 57 11.42 -1.68 31.01
N TYR A 58 10.10 -1.89 31.10
CA TYR A 58 9.19 -1.44 30.06
C TYR A 58 8.69 -0.02 30.26
N LYS A 59 8.73 0.49 31.49
CA LYS A 59 8.25 1.84 31.75
C LYS A 59 9.34 2.88 31.49
N TYR A 60 10.59 2.59 31.84
CA TYR A 60 11.67 3.55 31.71
C TYR A 60 12.54 3.33 30.48
N THR A 61 12.23 2.34 29.65
CA THR A 61 13.00 2.06 28.44
C THR A 61 12.02 1.76 27.30
N ALA A 62 12.57 1.64 26.10
CA ALA A 62 11.82 1.29 24.90
C ALA A 62 12.27 -0.05 24.34
N ARG A 63 12.47 -1.03 25.24
CA ARG A 63 13.14 -2.28 24.88
C ARG A 63 12.33 -3.07 23.86
N GLY A 64 11.06 -3.35 24.16
CA GLY A 64 10.30 -4.32 23.40
C GLY A 64 9.46 -3.79 22.24
N ASN A 65 10.11 -3.34 21.17
CA ASN A 65 9.38 -3.00 19.96
C ASN A 65 10.09 -3.35 18.65
N LEU A 66 11.25 -3.98 18.69
CA LEU A 66 12.08 -4.18 17.51
C LEU A 66 12.13 -5.65 17.10
N VAL A 67 12.35 -5.89 15.82
CA VAL A 67 12.47 -7.22 15.25
C VAL A 67 13.73 -7.28 14.40
N ALA A 68 14.46 -8.40 14.47
CA ALA A 68 15.65 -8.63 13.68
C ALA A 68 15.31 -9.47 12.46
N VAL A 69 15.72 -9.01 11.29
CA VAL A 69 15.62 -9.77 10.06
C VAL A 69 17.04 -10.20 9.70
N ILE A 70 17.35 -11.46 9.98
CA ILE A 70 18.73 -11.97 9.95
C ILE A 70 18.85 -12.99 8.83
N SER A 71 19.88 -12.85 8.02
CA SER A 71 20.11 -13.76 6.89
C SER A 71 21.58 -14.14 6.84
N ASN A 72 21.89 -15.09 5.96
CA ASN A 72 23.27 -15.42 5.63
C ASN A 72 23.50 -15.51 4.12
N GLY A 73 22.50 -15.21 3.31
CA GLY A 73 22.65 -15.17 1.87
C GLY A 73 22.91 -16.50 1.21
N THR A 74 22.27 -17.57 1.68
CA THR A 74 22.47 -18.89 1.10
C THR A 74 21.46 -19.20 0.00
N ALA A 75 20.27 -18.61 0.04
CA ALA A 75 19.28 -18.76 -1.04
C ALA A 75 18.56 -17.43 -1.21
N VAL A 76 19.11 -16.56 -2.06
CA VAL A 76 18.59 -15.22 -2.24
C VAL A 76 17.52 -15.28 -3.32
N LEU A 77 16.26 -15.27 -2.90
CA LEU A 77 15.12 -15.38 -3.80
C LEU A 77 15.28 -16.57 -4.72
N GLY A 78 15.37 -16.32 -6.02
CA GLY A 78 15.69 -17.34 -7.00
C GLY A 78 17.11 -17.30 -7.50
N LEU A 79 17.98 -16.49 -6.89
CA LEU A 79 19.36 -16.36 -7.32
C LEU A 79 20.29 -17.35 -6.65
N GLY A 80 19.87 -17.99 -5.56
CA GLY A 80 20.67 -19.00 -4.90
C GLY A 80 21.67 -18.45 -3.91
N ASN A 81 22.85 -19.08 -3.84
CA ASN A 81 23.90 -18.72 -2.89
C ASN A 81 24.78 -17.65 -3.53
N ILE A 82 24.60 -16.40 -3.11
CA ILE A 82 25.38 -15.27 -3.61
C ILE A 82 26.15 -14.56 -2.51
N GLY A 83 25.95 -14.93 -1.26
CA GLY A 83 26.65 -14.31 -0.15
C GLY A 83 25.71 -13.49 0.72
N ALA A 84 26.15 -13.27 1.96
CA ALA A 84 25.32 -12.52 2.91
C ALA A 84 25.32 -11.04 2.59
N LEU A 85 26.47 -10.48 2.23
CA LEU A 85 26.54 -9.05 1.94
C LEU A 85 25.70 -8.69 0.72
N ALA A 86 25.74 -9.52 -0.32
CA ALA A 86 25.01 -9.24 -1.54
C ALA A 86 23.50 -9.29 -1.34
N GLY A 87 23.03 -9.93 -0.27
CA GLY A 87 21.62 -10.00 0.05
C GLY A 87 21.09 -8.88 0.92
N LYS A 88 21.90 -7.88 1.22
CA LYS A 88 21.44 -6.75 2.01
C LYS A 88 20.24 -6.02 1.39
N PRO A 89 20.17 -5.75 0.09
CA PRO A 89 18.97 -5.07 -0.45
C PRO A 89 17.67 -5.83 -0.18
N VAL A 90 17.69 -7.16 -0.25
CA VAL A 90 16.47 -7.93 -0.01
C VAL A 90 16.04 -7.80 1.44
N MET A 91 16.98 -7.88 2.37
CA MET A 91 16.66 -7.74 3.78
C MET A 91 16.16 -6.33 4.09
N GLU A 92 16.75 -5.32 3.45
CA GLU A 92 16.30 -3.94 3.60
C GLU A 92 14.87 -3.78 3.10
N GLY A 93 14.56 -4.38 1.95
CA GLY A 93 13.19 -4.31 1.44
C GLY A 93 12.20 -5.04 2.32
N LYS A 94 12.62 -6.16 2.91
CA LYS A 94 11.76 -6.86 3.85
C LYS A 94 11.47 -6.00 5.08
N GLY A 95 12.48 -5.30 5.58
CA GLY A 95 12.24 -4.34 6.66
C GLY A 95 11.32 -3.22 6.25
N VAL A 96 11.45 -2.75 5.01
CA VAL A 96 10.55 -1.72 4.49
C VAL A 96 9.11 -2.21 4.51
N LEU A 97 8.89 -3.45 4.05
CA LEU A 97 7.55 -4.03 4.06
C LEU A 97 7.05 -4.21 5.50
N PHE A 98 7.94 -4.58 6.41
CA PHE A 98 7.58 -4.67 7.83
C PHE A 98 7.05 -3.33 8.33
N LYS A 99 7.76 -2.25 8.03
CA LYS A 99 7.38 -0.94 8.56
C LYS A 99 6.14 -0.37 7.88
N LYS A 100 5.97 -0.64 6.58
CA LYS A 100 4.91 0.01 5.83
C LYS A 100 3.53 -0.58 6.10
N PHE A 101 3.45 -1.85 6.49
CA PHE A 101 2.16 -2.52 6.64
C PHE A 101 1.69 -2.65 8.09
N ALA A 102 2.60 -2.72 9.05
CA ALA A 102 2.21 -2.89 10.44
C ALA A 102 2.82 -1.83 11.35
N GLY A 103 3.99 -1.31 10.96
CA GLY A 103 4.70 -0.36 11.78
C GLY A 103 5.66 -1.02 12.74
N ILE A 104 6.52 -1.89 12.21
CA ILE A 104 7.46 -2.66 13.01
C ILE A 104 8.87 -2.19 12.70
N ASP A 105 9.61 -1.81 13.75
CA ASP A 105 11.02 -1.47 13.59
C ASP A 105 11.81 -2.74 13.29
N VAL A 106 12.64 -2.68 12.24
CA VAL A 106 13.39 -3.83 11.77
C VAL A 106 14.87 -3.47 11.71
N PHE A 107 15.70 -4.32 12.32
CA PHE A 107 17.15 -4.27 12.12
C PHE A 107 17.53 -5.41 11.18
N ASP A 108 18.09 -5.08 10.03
CA ASP A 108 18.48 -6.09 9.05
C ASP A 108 19.95 -6.45 9.25
N ILE A 109 20.21 -7.74 9.42
CA ILE A 109 21.55 -8.24 9.73
C ILE A 109 21.91 -9.33 8.74
N GLU A 110 23.14 -9.27 8.21
CA GLU A 110 23.65 -10.25 7.26
C GLU A 110 24.90 -10.87 7.88
N VAL A 111 24.70 -11.91 8.68
CA VAL A 111 25.81 -12.58 9.35
C VAL A 111 26.56 -13.44 8.33
N ASP A 112 27.89 -13.37 8.39
CA ASP A 112 28.73 -14.11 7.44
C ASP A 112 28.96 -15.55 7.84
N GLU A 113 28.41 -16.01 8.96
CA GLU A 113 28.62 -17.37 9.41
C GLU A 113 27.91 -18.36 8.49
N LEU A 114 28.66 -19.34 7.99
CA LEU A 114 28.12 -20.40 7.16
C LEU A 114 27.93 -21.70 7.91
N ASP A 115 28.10 -21.69 9.24
CA ASP A 115 27.95 -22.86 10.07
C ASP A 115 26.81 -22.67 11.06
N PRO A 116 26.00 -23.70 11.29
CA PRO A 116 24.84 -23.52 12.19
C PRO A 116 25.22 -23.17 13.62
N ASP A 117 26.10 -23.95 14.25
CA ASP A 117 26.36 -23.79 15.68
C ASP A 117 26.71 -22.34 16.03
N LYS A 118 27.60 -21.74 15.25
CA LYS A 118 27.92 -20.34 15.48
C LYS A 118 26.73 -19.43 15.16
N PHE A 119 25.83 -19.88 14.28
CA PHE A 119 24.62 -19.09 14.01
C PHE A 119 23.74 -19.00 15.25
N ILE A 120 23.46 -20.15 15.90
CA ILE A 120 22.72 -20.07 17.16
C ILE A 120 23.51 -19.29 18.19
N GLU A 121 24.83 -19.43 18.21
CA GLU A 121 25.64 -18.70 19.17
C GLU A 121 25.42 -17.20 19.05
N VAL A 122 25.54 -16.66 17.83
CA VAL A 122 25.42 -15.22 17.65
C VAL A 122 23.98 -14.76 17.88
N VAL A 123 22.99 -15.54 17.41
CA VAL A 123 21.61 -15.09 17.57
C VAL A 123 21.20 -15.10 19.03
N ALA A 124 21.62 -16.12 19.79
CA ALA A 124 21.36 -16.15 21.22
C ALA A 124 22.12 -15.06 21.95
N ALA A 125 23.31 -14.70 21.48
CA ALA A 125 24.03 -13.58 22.07
C ALA A 125 23.26 -12.28 21.87
N LEU A 126 22.65 -12.11 20.69
CA LEU A 126 21.91 -10.89 20.37
C LEU A 126 20.50 -10.87 20.96
N GLU A 127 20.24 -11.66 22.01
CA GLU A 127 18.91 -11.72 22.60
C GLU A 127 18.40 -10.39 23.13
N PRO A 128 19.14 -9.64 23.97
CA PRO A 128 18.55 -8.44 24.59
C PRO A 128 18.24 -7.33 23.61
N THR A 129 18.70 -7.43 22.37
CA THR A 129 18.46 -6.37 21.37
C THR A 129 17.03 -6.41 20.82
N PHE A 130 16.43 -7.58 20.70
CA PHE A 130 15.20 -7.73 19.93
C PHE A 130 14.13 -8.42 20.78
N GLY A 131 12.88 -8.17 20.41
CA GLY A 131 11.74 -8.89 20.91
C GLY A 131 11.23 -9.98 20.00
N GLY A 132 12.02 -10.39 19.01
CA GLY A 132 11.62 -11.38 18.05
C GLY A 132 12.55 -11.40 16.86
N ILE A 133 12.88 -12.59 16.35
CA ILE A 133 13.88 -12.76 15.30
C ILE A 133 13.18 -13.39 14.10
N ASN A 134 13.12 -12.64 12.99
CA ASN A 134 12.57 -13.17 11.74
C ASN A 134 13.71 -13.73 10.92
N LEU A 135 13.90 -15.04 11.00
CA LEU A 135 14.92 -15.70 10.19
C LEU A 135 14.51 -15.64 8.73
N GLU A 136 15.43 -15.25 7.87
CA GLU A 136 15.14 -15.09 6.46
C GLU A 136 16.33 -15.60 5.64
N ASP A 137 16.03 -16.17 4.48
CA ASP A 137 17.05 -16.57 3.51
C ASP A 137 18.05 -17.55 4.13
N ILE A 138 17.50 -18.64 4.68
CA ILE A 138 18.30 -19.66 5.35
C ILE A 138 17.84 -21.03 4.85
N LYS A 139 18.80 -21.94 4.69
CA LYS A 139 18.50 -23.31 4.27
C LYS A 139 17.89 -24.08 5.45
N ALA A 140 17.72 -25.38 5.24
CA ALA A 140 17.11 -26.28 6.22
C ALA A 140 18.05 -27.45 6.45
N PRO A 141 17.93 -28.13 7.61
CA PRO A 141 16.99 -27.91 8.73
C PRO A 141 17.61 -27.17 9.91
N GLU A 142 18.66 -26.37 9.69
CA GLU A 142 19.30 -25.67 10.80
C GLU A 142 18.36 -24.64 11.44
N CYS A 143 17.43 -24.10 10.66
CA CYS A 143 16.52 -23.09 11.19
C CYS A 143 15.64 -23.65 12.29
N PHE A 144 15.15 -24.89 12.12
CA PHE A 144 14.34 -25.51 13.17
C PHE A 144 15.14 -25.69 14.44
N TYR A 145 16.39 -26.13 14.32
CA TYR A 145 17.25 -26.30 15.49
C TYR A 145 17.48 -24.97 16.19
N ILE A 146 17.77 -23.92 15.42
CA ILE A 146 17.95 -22.59 15.99
C ILE A 146 16.72 -22.17 16.76
N GLU A 147 15.54 -22.29 16.13
CA GLU A 147 14.32 -21.81 16.75
C GLU A 147 13.99 -22.59 18.02
N GLN A 148 14.15 -23.91 17.98
CA GLN A 148 13.86 -24.73 19.15
C GLN A 148 14.80 -24.40 20.30
N LYS A 149 16.11 -24.33 20.02
CA LYS A 149 17.06 -24.05 21.09
C LYS A 149 16.84 -22.66 21.68
N LEU A 150 16.55 -21.67 20.83
CA LEU A 150 16.28 -20.34 21.34
C LEU A 150 15.03 -20.34 22.21
N ARG A 151 13.92 -20.87 21.69
CA ARG A 151 12.66 -20.86 22.45
C ARG A 151 12.80 -21.59 23.78
N GLU A 152 13.67 -22.60 23.84
CA GLU A 152 13.93 -23.25 25.12
C GLU A 152 15.02 -22.56 25.93
N ARG A 153 15.68 -21.54 25.38
CA ARG A 153 16.65 -20.77 26.13
C ARG A 153 16.34 -19.27 26.20
N MET A 154 15.29 -18.81 25.52
CA MET A 154 14.91 -17.40 25.50
C MET A 154 13.65 -17.19 26.34
N ASN A 155 13.69 -16.19 27.22
CA ASN A 155 12.51 -15.73 27.92
C ASN A 155 11.77 -14.64 27.14
N ILE A 156 12.07 -14.49 25.86
CA ILE A 156 11.51 -13.45 25.02
C ILE A 156 10.99 -14.09 23.74
N PRO A 157 9.99 -13.49 23.10
CA PRO A 157 9.43 -14.10 21.89
C PRO A 157 10.49 -14.37 20.83
N VAL A 158 10.45 -15.57 20.27
CA VAL A 158 11.28 -15.96 19.14
C VAL A 158 10.36 -16.54 18.08
N PHE A 159 10.37 -15.96 16.88
CA PHE A 159 9.36 -16.30 15.87
C PHE A 159 10.00 -16.26 14.50
N HIS A 160 10.42 -17.42 14.00
CA HIS A 160 10.85 -17.54 12.61
C HIS A 160 9.64 -17.34 11.71
N ASP A 161 9.57 -16.18 11.07
CA ASP A 161 8.38 -15.85 10.29
C ASP A 161 8.35 -16.56 8.94
N ASP A 162 9.51 -16.77 8.33
CA ASP A 162 9.57 -17.41 7.02
C ASP A 162 8.98 -18.81 7.04
N GLN A 163 8.90 -19.43 8.20
CA GLN A 163 8.15 -20.68 8.36
C GLN A 163 6.72 -20.42 8.82
N HIS A 164 6.58 -19.84 10.00
CA HIS A 164 5.31 -19.84 10.71
C HIS A 164 4.30 -18.84 10.13
N GLY A 165 4.76 -17.67 9.70
CA GLY A 165 3.82 -16.69 9.16
C GLY A 165 3.16 -17.18 7.88
N THR A 166 3.96 -17.70 6.95
CA THR A 166 3.38 -18.25 5.73
C THR A 166 2.62 -19.54 6.02
N ALA A 167 3.01 -20.27 7.08
CA ALA A 167 2.18 -21.39 7.51
C ALA A 167 0.80 -20.92 7.93
N ILE A 168 0.73 -19.81 8.67
CA ILE A 168 -0.55 -19.26 9.11
C ILE A 168 -1.38 -18.84 7.89
N ILE A 169 -0.75 -18.15 6.95
CA ILE A 169 -1.49 -17.68 5.78
C ILE A 169 -1.99 -18.85 4.95
N SER A 170 -1.18 -19.89 4.79
CA SER A 170 -1.62 -21.07 4.06
C SER A 170 -2.75 -21.79 4.80
N THR A 171 -2.66 -21.87 6.13
CA THR A 171 -3.67 -22.56 6.91
C THR A 171 -5.01 -21.84 6.84
N ALA A 172 -5.00 -20.51 6.93
CA ALA A 172 -6.24 -19.74 6.84
C ALA A 172 -6.88 -19.88 5.47
N ALA A 173 -6.07 -19.95 4.41
CA ALA A 173 -6.60 -20.15 3.08
C ALA A 173 -7.15 -21.56 2.87
N ILE A 174 -6.87 -22.49 3.78
CA ILE A 174 -7.38 -23.85 3.68
C ILE A 174 -8.61 -24.05 4.55
N LEU A 175 -8.63 -23.47 5.75
CA LEU A 175 -9.81 -23.56 6.59
C LEU A 175 -11.02 -22.92 5.93
N ASN A 176 -10.83 -21.76 5.31
CA ASN A 176 -11.93 -21.12 4.59
C ASN A 176 -12.21 -21.82 3.27
N GLY A 177 -11.20 -22.41 2.64
CA GLY A 177 -11.42 -23.15 1.41
C GLY A 177 -12.29 -24.37 1.59
N LEU A 178 -12.17 -25.04 2.74
CA LEU A 178 -13.01 -26.20 3.00
C LEU A 178 -14.47 -25.81 3.12
N ARG A 179 -14.76 -24.58 3.58
CA ARG A 179 -16.13 -24.10 3.62
C ARG A 179 -16.71 -23.98 2.21
N VAL A 180 -15.93 -23.46 1.27
CA VAL A 180 -16.42 -23.30 -0.09
C VAL A 180 -16.55 -24.65 -0.78
N VAL A 181 -15.55 -25.53 -0.62
CA VAL A 181 -15.60 -26.83 -1.28
C VAL A 181 -16.51 -27.83 -0.57
N GLU A 182 -16.99 -27.50 0.62
CA GLU A 182 -17.91 -28.36 1.39
C GLU A 182 -17.28 -29.73 1.66
N LYS A 183 -16.20 -29.70 2.43
CA LYS A 183 -15.49 -30.92 2.83
C LYS A 183 -14.99 -30.76 4.25
N ASN A 184 -14.72 -31.89 4.90
CA ASN A 184 -14.27 -31.92 6.28
C ASN A 184 -12.75 -31.97 6.34
N ILE A 185 -12.19 -31.39 7.39
CA ILE A 185 -10.74 -31.34 7.55
C ILE A 185 -10.17 -32.73 7.81
N SER A 186 -10.92 -33.61 8.46
CA SER A 186 -10.43 -34.94 8.81
C SER A 186 -10.62 -35.96 7.70
N ASP A 187 -11.27 -35.61 6.60
CA ASP A 187 -11.53 -36.55 5.52
C ASP A 187 -10.89 -36.14 4.19
N VAL A 188 -10.20 -35.01 4.13
CA VAL A 188 -9.61 -34.53 2.88
C VAL A 188 -8.25 -35.17 2.68
N ARG A 189 -7.84 -35.28 1.42
CA ARG A 189 -6.55 -35.83 1.04
C ARG A 189 -5.66 -34.71 0.54
N MET A 190 -4.50 -34.53 1.15
CA MET A 190 -3.57 -33.47 0.81
C MET A 190 -2.30 -34.06 0.19
N VAL A 191 -1.88 -33.51 -0.94
CA VAL A 191 -0.70 -33.96 -1.66
C VAL A 191 0.22 -32.76 -1.85
N VAL A 192 1.48 -32.91 -1.49
CA VAL A 192 2.47 -31.84 -1.55
C VAL A 192 3.62 -32.28 -2.44
N SER A 193 4.01 -31.43 -3.37
CA SER A 193 5.16 -31.65 -4.24
C SER A 193 6.19 -30.56 -3.94
N GLY A 194 7.04 -30.82 -2.96
CA GLY A 194 8.07 -29.87 -2.60
C GLY A 194 8.34 -29.79 -1.11
N ALA A 195 9.61 -29.88 -0.72
CA ALA A 195 10.03 -29.76 0.66
C ALA A 195 11.02 -28.61 0.79
N GLY A 196 10.84 -27.78 1.82
CA GLY A 196 11.67 -26.62 1.98
C GLY A 196 11.39 -25.94 3.31
N ALA A 197 11.89 -24.71 3.43
CA ALA A 197 11.74 -23.97 4.67
C ALA A 197 10.27 -23.70 4.97
N ALA A 198 9.55 -23.13 4.01
CA ALA A 198 8.13 -22.80 4.20
C ALA A 198 7.21 -23.93 3.73
N ALA A 199 7.52 -25.15 4.13
CA ALA A 199 6.61 -26.28 3.93
C ALA A 199 6.42 -27.10 5.20
N ILE A 200 7.46 -27.28 6.01
CA ILE A 200 7.36 -28.09 7.21
C ILE A 200 6.47 -27.40 8.24
N ALA A 201 6.60 -26.07 8.37
CA ALA A 201 5.74 -25.35 9.29
C ALA A 201 4.28 -25.42 8.86
N CYS A 202 4.02 -25.31 7.56
CA CYS A 202 2.67 -25.45 7.05
C CYS A 202 2.12 -26.84 7.35
N MET A 203 2.94 -27.87 7.15
CA MET A 203 2.50 -29.24 7.45
C MET A 203 2.21 -29.42 8.93
N ASN A 204 3.06 -28.88 9.79
CA ASN A 204 2.82 -28.98 11.24
C ASN A 204 1.52 -28.28 11.62
N LEU A 205 1.29 -27.09 11.08
CA LEU A 205 0.06 -26.36 11.37
C LEU A 205 -1.17 -27.12 10.88
N LEU A 206 -1.09 -27.68 9.67
CA LEU A 206 -2.24 -28.41 9.12
C LEU A 206 -2.50 -29.70 9.89
N VAL A 207 -1.45 -30.37 10.35
CA VAL A 207 -1.63 -31.58 11.16
C VAL A 207 -2.27 -31.22 12.49
N ALA A 208 -1.81 -30.15 13.14
CA ALA A 208 -2.43 -29.71 14.38
C ALA A 208 -3.84 -29.18 14.18
N LEU A 209 -4.19 -28.80 12.95
CA LEU A 209 -5.56 -28.37 12.68
C LEU A 209 -6.54 -29.53 12.79
N GLY A 210 -6.12 -30.74 12.43
CA GLY A 210 -6.98 -31.90 12.52
C GLY A 210 -6.79 -32.89 11.38
N LEU A 211 -6.01 -32.52 10.38
CA LEU A 211 -5.78 -33.42 9.25
C LEU A 211 -4.94 -34.62 9.68
N GLN A 212 -5.29 -35.78 9.14
CA GLN A 212 -4.56 -37.00 9.46
C GLN A 212 -3.19 -37.00 8.79
N LYS A 213 -2.19 -37.51 9.51
CA LYS A 213 -0.83 -37.55 8.97
C LYS A 213 -0.73 -38.54 7.81
N HIS A 214 -1.45 -39.66 7.89
CA HIS A 214 -1.36 -40.68 6.86
C HIS A 214 -2.02 -40.25 5.55
N ASN A 215 -2.76 -39.15 5.53
CA ASN A 215 -3.37 -38.63 4.32
C ASN A 215 -2.52 -37.58 3.62
N ILE A 216 -1.30 -37.34 4.09
CA ILE A 216 -0.42 -36.32 3.53
C ILE A 216 0.72 -37.01 2.80
N VAL A 217 0.96 -36.60 1.56
CA VAL A 217 2.02 -37.15 0.72
C VAL A 217 2.99 -36.03 0.36
N VAL A 218 4.28 -36.28 0.57
CA VAL A 218 5.33 -35.28 0.34
C VAL A 218 6.20 -35.72 -0.82
N CYS A 219 6.74 -34.75 -1.54
CA CYS A 219 7.58 -35.01 -2.70
C CYS A 219 8.67 -33.94 -2.80
N ASP A 220 9.60 -34.17 -3.72
CA ASP A 220 10.64 -33.20 -4.07
C ASP A 220 11.05 -33.45 -5.52
N SER A 221 12.21 -32.93 -5.91
CA SER A 221 12.74 -33.21 -7.24
C SER A 221 13.02 -34.69 -7.44
N LYS A 222 13.44 -35.38 -6.37
CA LYS A 222 13.70 -36.81 -6.47
C LYS A 222 12.43 -37.59 -6.78
N GLY A 223 11.33 -37.23 -6.16
CA GLY A 223 10.07 -37.91 -6.35
C GLY A 223 9.34 -38.04 -5.03
N VAL A 224 8.51 -39.09 -4.92
CA VAL A 224 7.80 -39.35 -3.68
C VAL A 224 8.81 -39.66 -2.59
N ILE A 225 8.64 -39.03 -1.43
CA ILE A 225 9.54 -39.23 -0.30
C ILE A 225 9.02 -40.45 0.46
N TYR A 226 9.46 -41.62 0.02
CA TYR A 226 9.08 -42.89 0.62
C TYR A 226 10.23 -43.45 1.45
N GLN A 227 9.95 -44.55 2.15
CA GLN A 227 10.95 -45.21 2.96
C GLN A 227 11.70 -46.23 2.11
N GLY A 228 13.03 -46.15 2.14
CA GLY A 228 13.85 -47.08 1.38
C GLY A 228 14.29 -46.53 0.04
N ARG A 229 14.60 -45.23 -0.01
CA ARG A 229 15.05 -44.58 -1.22
C ARG A 229 16.55 -44.31 -1.24
N GLU A 230 17.11 -43.80 -0.15
CA GLU A 230 18.53 -43.51 -0.05
C GLU A 230 19.10 -44.09 1.23
N PRO A 231 20.39 -44.48 1.22
CA PRO A 231 21.00 -45.01 2.45
C PRO A 231 21.01 -43.99 3.59
N ASN A 232 21.17 -42.71 3.28
CA ASN A 232 21.19 -41.64 4.28
C ASN A 232 20.15 -40.60 3.88
N MET A 233 18.92 -40.80 4.34
CA MET A 233 17.82 -39.91 4.04
C MET A 233 17.58 -39.03 5.26
N ALA A 234 17.73 -37.72 5.07
CA ALA A 234 17.84 -36.78 6.19
C ALA A 234 16.50 -36.55 6.85
N GLU A 235 16.54 -35.88 8.01
CA GLU A 235 15.34 -35.62 8.79
C GLU A 235 14.45 -34.60 8.08
N THR A 236 13.33 -34.27 8.73
CA THR A 236 12.28 -33.40 8.19
C THR A 236 11.66 -34.02 6.94
N LYS A 237 12.00 -35.27 6.66
CA LYS A 237 11.40 -36.02 5.57
C LYS A 237 10.98 -37.42 5.98
N ALA A 238 11.44 -37.92 7.12
CA ALA A 238 11.03 -39.22 7.63
C ALA A 238 9.79 -39.16 8.50
N ALA A 239 9.49 -38.00 9.09
CA ALA A 239 8.27 -37.83 9.88
C ALA A 239 7.02 -37.76 9.02
N TYR A 240 7.16 -37.64 7.70
CA TYR A 240 6.03 -37.57 6.80
C TYR A 240 6.15 -38.54 5.62
N ALA A 241 7.14 -39.42 5.63
CA ALA A 241 7.32 -40.36 4.54
C ALA A 241 6.23 -41.44 4.56
N VAL A 242 6.04 -42.07 3.42
CA VAL A 242 5.04 -43.12 3.25
C VAL A 242 5.75 -44.42 2.89
N VAL A 243 5.02 -45.53 3.04
CA VAL A 243 5.59 -46.83 2.72
C VAL A 243 5.69 -46.99 1.20
N ASP A 244 6.55 -47.92 0.78
CA ASP A 244 6.86 -48.11 -0.63
C ASP A 244 5.83 -49.04 -1.25
N ASP A 245 4.93 -48.47 -2.06
CA ASP A 245 3.95 -49.25 -2.82
C ASP A 245 4.06 -48.98 -4.32
N GLY A 246 5.25 -48.57 -4.78
CA GLY A 246 5.46 -48.24 -6.17
C GLY A 246 5.19 -46.80 -6.54
N LYS A 247 4.73 -45.98 -5.59
CA LYS A 247 4.45 -44.57 -5.86
C LYS A 247 5.76 -43.79 -5.88
N ARG A 248 6.05 -43.14 -7.00
CA ARG A 248 7.33 -42.48 -7.20
C ARG A 248 7.23 -41.06 -7.74
N THR A 249 6.15 -40.69 -8.42
CA THR A 249 6.03 -39.38 -9.03
C THR A 249 4.79 -38.66 -8.48
N LEU A 250 4.65 -37.40 -8.91
CA LEU A 250 3.53 -36.59 -8.46
C LEU A 250 2.20 -37.15 -8.98
N ASP A 251 2.17 -37.60 -10.24
CA ASP A 251 0.94 -38.09 -10.83
C ASP A 251 0.44 -39.37 -10.16
N ASP A 252 1.33 -40.12 -9.51
CA ASP A 252 0.90 -41.33 -8.82
C ASP A 252 0.01 -41.04 -7.63
N VAL A 253 0.15 -39.85 -7.04
CA VAL A 253 -0.68 -39.44 -5.91
C VAL A 253 -1.59 -38.27 -6.24
N ILE A 254 -1.61 -37.81 -7.49
CA ILE A 254 -2.43 -36.67 -7.87
C ILE A 254 -3.90 -37.02 -8.01
N GLU A 255 -4.24 -38.30 -8.01
CA GLU A 255 -5.62 -38.73 -8.13
C GLU A 255 -6.30 -38.74 -6.76
N GLY A 256 -7.45 -38.09 -6.66
CA GLY A 256 -8.20 -38.07 -5.43
C GLY A 256 -7.71 -37.08 -4.39
N ALA A 257 -6.79 -36.18 -4.75
CA ALA A 257 -6.24 -35.22 -3.81
C ALA A 257 -7.21 -34.05 -3.68
N ASP A 258 -7.79 -33.88 -2.49
CA ASP A 258 -8.70 -32.77 -2.25
C ASP A 258 -7.96 -31.45 -2.17
N ILE A 259 -6.78 -31.44 -1.54
CA ILE A 259 -5.96 -30.24 -1.40
C ILE A 259 -4.59 -30.54 -1.98
N PHE A 260 -4.00 -29.53 -2.63
CA PHE A 260 -2.67 -29.64 -3.24
C PHE A 260 -1.87 -28.41 -2.84
N LEU A 261 -1.06 -28.53 -1.80
CA LEU A 261 -0.24 -27.42 -1.30
C LEU A 261 1.14 -27.54 -1.94
N GLY A 262 1.37 -26.77 -3.01
CA GLY A 262 2.65 -26.77 -3.69
C GLY A 262 3.44 -25.51 -3.36
N CYS A 263 4.69 -25.74 -2.93
CA CYS A 263 5.55 -24.62 -2.53
C CYS A 263 6.97 -24.79 -3.07
N SER A 264 7.12 -25.42 -4.23
CA SER A 264 8.46 -25.67 -4.77
C SER A 264 8.37 -25.92 -6.26
N GLY A 265 9.15 -25.17 -7.04
CA GLY A 265 9.32 -25.43 -8.45
C GLY A 265 8.19 -24.87 -9.30
N PRO A 266 8.54 -24.26 -10.41
CA PRO A 266 7.54 -23.87 -11.41
C PRO A 266 7.37 -24.96 -12.47
N LYS A 267 6.22 -24.90 -13.15
CA LYS A 267 5.88 -25.82 -14.23
C LYS A 267 6.00 -27.27 -13.76
N VAL A 268 5.18 -27.62 -12.77
CA VAL A 268 5.19 -28.95 -12.18
C VAL A 268 3.94 -29.73 -12.52
N LEU A 269 2.79 -29.09 -12.54
CA LEU A 269 1.51 -29.76 -12.81
C LEU A 269 1.16 -29.65 -14.28
N THR A 270 0.83 -30.77 -14.89
CA THR A 270 0.48 -30.85 -16.30
C THR A 270 -1.03 -30.90 -16.46
N GLN A 271 -1.49 -30.69 -17.70
CA GLN A 271 -2.92 -30.69 -17.97
C GLN A 271 -3.55 -32.04 -17.65
N GLU A 272 -2.84 -33.14 -17.95
CA GLU A 272 -3.37 -34.47 -17.67
C GLU A 272 -3.56 -34.68 -16.18
N MET A 273 -2.63 -34.17 -15.36
CA MET A 273 -2.75 -34.30 -13.92
C MET A 273 -4.00 -33.59 -13.40
N VAL A 274 -4.28 -32.40 -13.94
CA VAL A 274 -5.51 -31.70 -13.57
C VAL A 274 -6.73 -32.47 -14.05
N LYS A 275 -6.65 -33.07 -15.23
CA LYS A 275 -7.76 -33.84 -15.76
C LYS A 275 -8.09 -35.03 -14.86
N LYS A 276 -7.06 -35.70 -14.34
CA LYS A 276 -7.25 -36.89 -13.52
C LYS A 276 -7.37 -36.57 -12.03
N MET A 277 -7.40 -35.29 -11.66
CA MET A 277 -7.54 -34.90 -10.27
C MET A 277 -8.98 -35.15 -9.81
N ALA A 278 -9.29 -34.74 -8.58
CA ALA A 278 -10.59 -34.97 -7.98
C ALA A 278 -11.52 -33.79 -8.28
N ARG A 279 -12.67 -33.77 -7.61
CA ARG A 279 -13.65 -32.69 -7.78
C ARG A 279 -13.41 -31.60 -6.75
N ALA A 280 -13.73 -30.36 -7.13
CA ALA A 280 -13.50 -29.16 -6.34
C ALA A 280 -12.05 -29.09 -5.88
N PRO A 281 -11.10 -28.95 -6.80
CA PRO A 281 -9.69 -28.91 -6.39
C PRO A 281 -9.39 -27.70 -5.53
N MET A 282 -8.49 -27.89 -4.57
CA MET A 282 -8.06 -26.84 -3.65
C MET A 282 -6.55 -26.73 -3.78
N ILE A 283 -6.10 -25.92 -4.73
CA ILE A 283 -4.69 -25.83 -5.11
C ILE A 283 -4.09 -24.60 -4.43
N LEU A 284 -2.96 -24.79 -3.76
CA LEU A 284 -2.21 -23.72 -3.12
C LEU A 284 -0.80 -23.72 -3.70
N ALA A 285 -0.63 -23.00 -4.81
CA ALA A 285 0.66 -22.90 -5.51
C ALA A 285 1.35 -21.63 -5.04
N LEU A 286 2.21 -21.77 -4.04
CA LEU A 286 2.82 -20.60 -3.40
C LEU A 286 4.06 -20.09 -4.12
N ALA A 287 4.49 -20.73 -5.19
CA ALA A 287 5.74 -20.35 -5.85
C ALA A 287 5.67 -18.92 -6.37
N ASN A 288 6.59 -18.08 -5.90
CA ASN A 288 6.56 -16.64 -6.17
C ASN A 288 7.05 -16.28 -7.57
N PRO A 289 8.26 -16.67 -7.99
CA PRO A 289 8.72 -16.26 -9.34
C PRO A 289 7.83 -16.78 -10.45
N GLU A 290 7.31 -18.00 -10.30
CA GLU A 290 6.36 -18.59 -11.24
C GLU A 290 5.63 -19.70 -10.51
N PRO A 291 4.30 -19.65 -10.43
CA PRO A 291 3.57 -20.63 -9.61
C PRO A 291 3.67 -22.04 -10.16
N GLU A 292 3.31 -23.00 -9.32
CA GLU A 292 3.32 -24.40 -9.73
C GLU A 292 2.37 -24.64 -10.89
N ILE A 293 1.18 -24.05 -10.83
CA ILE A 293 0.22 -24.12 -11.92
C ILE A 293 -0.39 -22.74 -12.12
N LEU A 294 -0.53 -22.35 -13.38
CA LEU A 294 -1.06 -21.02 -13.70
C LEU A 294 -2.55 -20.96 -13.35
N PRO A 295 -2.98 -19.99 -12.54
CA PRO A 295 -4.40 -19.90 -12.18
C PRO A 295 -5.30 -19.75 -13.40
N PRO A 296 -4.91 -19.00 -14.44
CA PRO A 296 -5.72 -19.05 -15.68
C PRO A 296 -5.75 -20.42 -16.32
N LEU A 297 -4.67 -21.20 -16.20
CA LEU A 297 -4.62 -22.52 -16.81
C LEU A 297 -5.44 -23.55 -16.03
N ALA A 298 -5.46 -23.46 -14.71
CA ALA A 298 -6.24 -24.40 -13.91
C ALA A 298 -7.73 -24.18 -14.09
N LYS A 299 -8.17 -22.92 -14.05
CA LYS A 299 -9.60 -22.62 -14.13
C LYS A 299 -10.18 -22.94 -15.50
N GLU A 300 -9.34 -23.07 -16.53
CA GLU A 300 -9.84 -23.43 -17.85
C GLU A 300 -10.17 -24.92 -17.92
N VAL A 301 -9.19 -25.78 -17.60
CA VAL A 301 -9.42 -27.21 -17.65
C VAL A 301 -10.49 -27.63 -16.65
N ARG A 302 -10.42 -27.09 -15.44
CA ARG A 302 -11.41 -27.39 -14.39
C ARG A 302 -11.88 -26.08 -13.77
N PRO A 303 -13.11 -25.64 -14.04
CA PRO A 303 -13.58 -24.36 -13.49
C PRO A 303 -13.93 -24.41 -12.02
N ASP A 304 -13.87 -25.58 -11.38
CA ASP A 304 -14.22 -25.73 -9.98
C ASP A 304 -13.00 -25.65 -9.06
N ALA A 305 -11.83 -25.34 -9.61
CA ALA A 305 -10.60 -25.28 -8.82
C ALA A 305 -10.45 -23.92 -8.16
N ILE A 306 -10.05 -23.94 -6.89
CA ILE A 306 -9.73 -22.73 -6.13
C ILE A 306 -8.22 -22.68 -5.98
N ILE A 307 -7.62 -21.60 -6.47
CA ILE A 307 -6.17 -21.45 -6.51
C ILE A 307 -5.78 -20.26 -5.63
N CYS A 308 -4.81 -20.48 -4.74
CA CYS A 308 -4.36 -19.46 -3.79
C CYS A 308 -2.84 -19.30 -4.00
N THR A 309 -2.47 -18.41 -4.91
CA THR A 309 -1.07 -18.25 -5.30
C THR A 309 -0.40 -17.12 -4.51
N GLY A 310 0.92 -17.06 -4.64
CA GLY A 310 1.72 -16.03 -4.00
C GLY A 310 1.99 -14.81 -4.85
N ARG A 311 1.42 -14.73 -6.05
CA ARG A 311 1.65 -13.61 -6.95
C ARG A 311 0.67 -12.48 -6.68
N SER A 312 0.98 -11.31 -7.23
CA SER A 312 0.12 -10.13 -7.13
C SER A 312 -0.79 -9.95 -8.33
N ASP A 313 -0.73 -10.85 -9.31
CA ASP A 313 -1.54 -10.73 -10.51
C ASP A 313 -2.89 -11.43 -10.40
N TYR A 314 -3.14 -12.17 -9.32
CA TYR A 314 -4.35 -12.95 -9.16
C TYR A 314 -4.89 -12.76 -7.75
N PRO A 315 -6.19 -12.97 -7.55
CA PRO A 315 -6.75 -12.88 -6.20
C PRO A 315 -6.27 -14.01 -5.31
N ASN A 316 -6.68 -13.95 -4.04
CA ASN A 316 -6.24 -14.90 -3.02
C ASN A 316 -4.71 -14.96 -2.96
N GLN A 317 -4.10 -13.79 -2.90
CA GLN A 317 -2.64 -13.70 -2.97
C GLN A 317 -2.02 -14.19 -1.67
N VAL A 318 -1.07 -15.12 -1.79
CA VAL A 318 -0.30 -15.59 -0.64
C VAL A 318 0.95 -14.72 -0.59
N ASN A 319 0.81 -13.55 0.02
CA ASN A 319 1.92 -12.63 0.20
C ASN A 319 2.23 -12.55 1.69
N ASN A 320 3.51 -12.66 2.02
CA ASN A 320 3.92 -12.62 3.42
C ASN A 320 3.57 -11.30 4.07
N VAL A 321 3.30 -10.26 3.29
CA VAL A 321 2.81 -9.00 3.84
C VAL A 321 1.47 -9.19 4.53
N LEU A 322 0.77 -10.29 4.24
CA LEU A 322 -0.35 -10.71 5.08
C LEU A 322 0.12 -11.38 6.36
N CYS A 323 1.38 -11.83 6.43
CA CYS A 323 1.85 -12.63 7.55
C CYS A 323 2.85 -11.89 8.43
N PHE A 324 3.99 -11.45 7.89
CA PHE A 324 5.02 -10.95 8.78
C PHE A 324 4.68 -9.60 9.42
N PRO A 325 3.92 -8.70 8.78
CA PRO A 325 3.50 -7.50 9.52
C PRO A 325 2.56 -7.84 10.66
N PHE A 326 1.44 -8.50 10.33
CA PHE A 326 0.33 -8.60 11.25
C PHE A 326 0.51 -9.70 12.29
N ILE A 327 1.07 -10.85 11.90
CA ILE A 327 1.31 -11.91 12.88
C ILE A 327 2.36 -11.47 13.89
N PHE A 328 3.44 -10.85 13.41
CA PHE A 328 4.44 -10.32 14.33
C PHE A 328 3.86 -9.22 15.19
N ARG A 329 2.99 -8.38 14.62
CA ARG A 329 2.35 -7.34 15.41
C ARG A 329 1.51 -7.96 16.53
N GLY A 330 0.75 -9.01 16.20
CA GLY A 330 -0.01 -9.70 17.23
C GLY A 330 0.87 -10.30 18.31
N ALA A 331 1.96 -10.94 17.92
CA ALA A 331 2.88 -11.52 18.91
C ALA A 331 3.48 -10.44 19.81
N LEU A 332 3.90 -9.33 19.22
CA LEU A 332 4.62 -8.31 19.97
C LEU A 332 3.69 -7.52 20.89
N ASP A 333 2.48 -7.19 20.43
CA ASP A 333 1.65 -6.26 21.16
C ASP A 333 1.26 -6.79 22.54
N VAL A 334 1.29 -8.10 22.73
CA VAL A 334 1.06 -8.65 24.06
C VAL A 334 2.35 -8.91 24.83
N GLY A 335 3.49 -9.00 24.14
CA GLY A 335 4.72 -9.37 24.81
C GLY A 335 4.75 -10.85 25.17
N ALA A 336 4.82 -11.69 24.15
CA ALA A 336 4.69 -13.13 24.34
C ALA A 336 6.01 -13.70 24.86
N THR A 337 6.14 -15.02 24.77
CA THR A 337 7.43 -15.69 24.86
C THR A 337 7.78 -16.46 23.60
N ALA A 338 6.81 -16.68 22.72
CA ALA A 338 6.93 -17.26 21.39
C ALA A 338 5.51 -17.29 20.83
N ILE A 339 5.39 -17.72 19.58
CA ILE A 339 4.09 -18.07 19.01
C ILE A 339 4.00 -19.59 18.99
N ASN A 340 3.30 -20.14 19.97
CA ASN A 340 3.01 -21.56 20.01
C ASN A 340 1.82 -21.85 19.10
N GLU A 341 1.27 -23.06 19.17
CA GLU A 341 0.12 -23.39 18.33
C GLU A 341 -1.10 -22.55 18.67
N GLU A 342 -1.26 -22.19 19.95
CA GLU A 342 -2.43 -21.41 20.35
C GLU A 342 -2.43 -20.03 19.69
N MET A 343 -1.31 -19.31 19.77
CA MET A 343 -1.21 -18.03 19.09
C MET A 343 -1.22 -18.20 17.58
N LYS A 344 -0.53 -19.24 17.09
CA LYS A 344 -0.53 -19.54 15.66
C LYS A 344 -1.94 -19.82 15.15
N LEU A 345 -2.80 -20.38 16.00
CA LEU A 345 -4.19 -20.63 15.63
C LEU A 345 -5.10 -19.44 15.93
N ALA A 346 -4.85 -18.73 17.03
CA ALA A 346 -5.63 -17.53 17.32
C ALA A 346 -5.45 -16.48 16.23
N ALA A 347 -4.26 -16.41 15.63
CA ALA A 347 -4.04 -15.52 14.50
C ALA A 347 -4.63 -16.08 13.21
N VAL A 348 -4.63 -17.40 13.04
CA VAL A 348 -5.13 -17.98 11.80
C VAL A 348 -6.66 -17.92 11.76
N ARG A 349 -7.33 -17.88 12.92
CA ARG A 349 -8.78 -17.83 12.94
C ARG A 349 -9.31 -16.42 12.75
N ALA A 350 -8.58 -15.41 13.22
CA ALA A 350 -8.98 -14.04 12.97
C ALA A 350 -8.92 -13.70 11.48
N ILE A 351 -7.88 -14.19 10.79
CA ILE A 351 -7.76 -13.98 9.35
C ILE A 351 -8.91 -14.64 8.62
N ALA A 352 -9.22 -15.89 8.99
CA ALA A 352 -10.31 -16.61 8.35
C ALA A 352 -11.65 -15.95 8.63
N GLU A 353 -11.86 -15.49 9.87
CA GLU A 353 -13.12 -14.82 10.21
C GLU A 353 -13.27 -13.52 9.44
N LEU A 354 -12.19 -12.74 9.31
CA LEU A 354 -12.24 -11.52 8.54
C LEU A 354 -12.50 -11.80 7.06
N ALA A 355 -11.96 -12.90 6.55
CA ALA A 355 -12.11 -13.21 5.13
C ALA A 355 -13.56 -13.51 4.74
N HIS A 356 -14.35 -14.04 5.68
CA HIS A 356 -15.74 -14.37 5.38
C HIS A 356 -16.73 -13.50 6.15
N ALA A 357 -16.31 -12.32 6.59
CA ALA A 357 -17.19 -11.37 7.27
C ALA A 357 -16.97 -9.97 6.73
N GLU A 358 -16.84 -9.85 5.40
CA GLU A 358 -16.68 -8.54 4.79
C GLU A 358 -18.00 -7.78 4.82
N GLN A 359 -17.93 -6.51 5.23
CA GLN A 359 -19.13 -5.68 5.35
C GLN A 359 -18.86 -4.28 4.80
N SER A 360 -18.11 -4.20 3.70
CA SER A 360 -17.84 -2.95 2.99
C SER A 360 -17.16 -1.94 3.91
N GLU A 361 -17.95 -1.04 4.50
CA GLU A 361 -17.47 -0.02 5.44
C GLU A 361 -16.44 0.90 4.78
N VAL A 362 -16.94 1.65 3.80
CA VAL A 362 -16.21 2.74 3.15
C VAL A 362 -15.05 2.22 2.33
N VAL A 363 -15.21 2.21 1.00
CA VAL A 363 -14.19 1.76 0.07
C VAL A 363 -13.98 2.86 -0.97
N ALA A 364 -13.10 2.58 -1.93
CA ALA A 364 -12.69 3.61 -2.89
C ALA A 364 -13.73 3.83 -3.98
N SER A 365 -14.98 4.07 -3.57
CA SER A 365 -16.10 4.37 -4.48
C SER A 365 -16.13 3.29 -5.56
N ALA A 366 -16.14 3.65 -6.84
CA ALA A 366 -15.99 2.70 -7.92
C ALA A 366 -14.56 2.63 -8.44
N TYR A 367 -13.62 3.33 -7.80
CA TYR A 367 -12.23 3.35 -8.25
C TYR A 367 -11.59 2.01 -7.94
N GLY A 368 -11.38 1.21 -8.97
CA GLY A 368 -10.78 -0.10 -8.80
C GLY A 368 -11.77 -1.23 -8.99
N ASP A 369 -11.64 -2.28 -8.19
CA ASP A 369 -12.55 -3.43 -8.27
C ASP A 369 -12.64 -4.02 -6.86
N GLN A 370 -13.71 -3.68 -6.15
CA GLN A 370 -13.88 -4.17 -4.78
C GLN A 370 -14.26 -5.64 -4.80
N ASP A 371 -15.44 -5.96 -5.33
CA ASP A 371 -15.91 -7.33 -5.49
C ASP A 371 -15.69 -8.19 -4.25
N LEU A 372 -15.87 -7.61 -3.06
CA LEU A 372 -15.59 -8.32 -1.80
C LEU A 372 -16.80 -9.19 -1.45
N SER A 373 -16.79 -10.40 -1.98
CA SER A 373 -17.79 -11.41 -1.68
C SER A 373 -17.09 -12.72 -1.41
N PHE A 374 -17.39 -13.34 -0.26
CA PHE A 374 -16.69 -14.55 0.16
C PHE A 374 -17.06 -15.70 -0.78
N GLY A 375 -16.14 -16.07 -1.66
CA GLY A 375 -16.35 -17.12 -2.61
C GLY A 375 -15.05 -17.69 -3.14
N PRO A 376 -15.10 -18.37 -4.28
CA PRO A 376 -13.87 -18.94 -4.84
C PRO A 376 -12.80 -17.90 -5.14
N GLU A 377 -13.19 -16.70 -5.58
CA GLU A 377 -12.24 -15.67 -5.97
C GLU A 377 -11.84 -14.76 -4.81
N TYR A 378 -12.36 -15.00 -3.60
CA TYR A 378 -12.02 -14.17 -2.46
C TYR A 378 -12.06 -15.06 -1.21
N ILE A 379 -10.91 -15.55 -0.79
CA ILE A 379 -10.81 -16.46 0.34
C ILE A 379 -9.98 -15.91 1.48
N ILE A 380 -9.18 -14.86 1.26
CA ILE A 380 -8.34 -14.28 2.30
C ILE A 380 -8.38 -12.77 2.19
N PRO A 381 -8.17 -12.06 3.31
CA PRO A 381 -8.17 -10.59 3.26
C PRO A 381 -7.03 -10.07 2.40
N LYS A 382 -7.23 -8.85 1.90
CA LYS A 382 -6.27 -8.25 1.00
C LYS A 382 -4.95 -7.96 1.72
N PRO A 383 -3.84 -7.89 0.98
CA PRO A 383 -2.53 -7.77 1.62
C PRO A 383 -2.37 -6.55 2.51
N PHE A 384 -3.06 -5.45 2.21
CA PHE A 384 -2.97 -4.27 3.05
C PHE A 384 -4.33 -3.86 3.60
N ASP A 385 -5.09 -4.84 4.09
CA ASP A 385 -6.38 -4.54 4.68
C ASP A 385 -6.18 -3.71 5.95
N PRO A 386 -6.82 -2.54 6.06
CA PRO A 386 -6.64 -1.72 7.27
C PRO A 386 -7.13 -2.38 8.54
N ARG A 387 -8.05 -3.34 8.45
CA ARG A 387 -8.65 -3.94 9.63
C ARG A 387 -7.82 -5.05 10.24
N LEU A 388 -6.75 -5.51 9.59
CA LEU A 388 -5.98 -6.63 10.10
C LEU A 388 -4.97 -6.24 11.16
N ILE A 389 -5.34 -5.37 12.08
CA ILE A 389 -4.54 -5.08 13.27
C ILE A 389 -5.48 -5.10 14.46
N VAL A 390 -6.77 -4.85 14.19
CA VAL A 390 -7.79 -4.86 15.23
C VAL A 390 -8.32 -6.28 15.46
N LYS A 391 -8.22 -7.15 14.46
CA LYS A 391 -8.70 -8.52 14.60
C LYS A 391 -7.62 -9.48 15.09
N ILE A 392 -6.35 -9.16 14.87
CA ILE A 392 -5.26 -10.10 15.16
C ILE A 392 -4.58 -9.78 16.48
N ALA A 393 -4.22 -8.52 16.71
CA ALA A 393 -3.49 -8.19 17.93
C ALA A 393 -4.30 -8.46 19.20
N PRO A 394 -5.56 -8.03 19.32
CA PRO A 394 -6.35 -8.42 20.51
C PRO A 394 -6.57 -9.92 20.62
N ALA A 395 -6.72 -10.62 19.49
CA ALA A 395 -6.90 -12.07 19.54
C ALA A 395 -5.67 -12.75 20.11
N VAL A 396 -4.49 -12.34 19.65
CA VAL A 396 -3.25 -12.93 20.14
C VAL A 396 -3.03 -12.54 21.61
N ALA A 397 -3.40 -11.31 21.98
CA ALA A 397 -3.29 -10.90 23.37
C ALA A 397 -4.18 -11.74 24.28
N LYS A 398 -5.42 -12.00 23.84
CA LYS A 398 -6.30 -12.87 24.62
C LYS A 398 -5.75 -14.29 24.70
N ALA A 399 -5.24 -14.81 23.58
CA ALA A 399 -4.66 -16.15 23.60
C ALA A 399 -3.48 -16.23 24.56
N ALA A 400 -2.64 -15.20 24.58
CA ALA A 400 -1.52 -15.15 25.51
C ALA A 400 -2.01 -15.08 26.95
N MET A 401 -3.08 -14.31 27.21
CA MET A 401 -3.62 -14.21 28.55
C MET A 401 -4.11 -15.56 29.06
N GLU A 402 -4.68 -16.39 28.18
CA GLU A 402 -5.15 -17.71 28.56
C GLU A 402 -4.04 -18.77 28.53
N SER A 403 -2.89 -18.47 27.92
CA SER A 403 -1.81 -19.44 27.80
C SER A 403 -0.70 -19.26 28.83
N GLY A 404 -0.71 -18.17 29.59
CA GLY A 404 0.29 -17.94 30.61
C GLY A 404 1.61 -17.38 30.12
N VAL A 405 1.70 -16.98 28.86
CA VAL A 405 2.92 -16.38 28.34
C VAL A 405 2.88 -14.86 28.33
N ALA A 406 1.71 -14.26 28.53
CA ALA A 406 1.61 -12.81 28.61
C ALA A 406 2.16 -12.33 29.95
N THR A 407 2.98 -11.29 29.91
CA THR A 407 3.62 -10.78 31.12
C THR A 407 2.87 -9.62 31.75
N ARG A 408 2.30 -8.74 30.94
CA ARG A 408 1.54 -7.57 31.42
C ARG A 408 0.13 -7.65 30.86
N PRO A 409 -0.82 -8.19 31.62
CA PRO A 409 -2.18 -8.36 31.10
C PRO A 409 -2.87 -7.02 30.89
N ILE A 410 -3.81 -7.01 29.94
CA ILE A 410 -4.64 -5.84 29.65
C ILE A 410 -6.03 -6.09 30.23
N ALA A 411 -6.58 -5.08 30.90
CA ALA A 411 -7.87 -5.21 31.57
C ALA A 411 -9.02 -4.85 30.63
N ASP A 412 -9.05 -3.62 30.13
CA ASP A 412 -10.13 -3.13 29.29
C ASP A 412 -9.72 -3.29 27.83
N PHE A 413 -10.33 -4.25 27.14
CA PHE A 413 -9.99 -4.51 25.75
C PHE A 413 -10.55 -3.44 24.81
N ASP A 414 -11.73 -2.89 25.13
CA ASP A 414 -12.35 -1.93 24.22
C ASP A 414 -11.46 -0.71 24.01
N VAL A 415 -10.84 -0.22 25.08
CA VAL A 415 -9.87 0.87 24.95
C VAL A 415 -8.72 0.45 24.06
N TYR A 416 -8.30 -0.80 24.17
CA TYR A 416 -7.20 -1.29 23.36
C TYR A 416 -7.53 -1.26 21.87
N ILE A 417 -8.71 -1.79 21.51
CA ILE A 417 -9.14 -1.75 20.12
C ILE A 417 -9.33 -0.31 19.64
N ASP A 418 -9.80 0.58 20.53
CA ASP A 418 -9.93 1.97 20.15
C ASP A 418 -8.56 2.57 19.81
N LYS A 419 -7.55 2.27 20.63
CA LYS A 419 -6.21 2.79 20.35
C LYS A 419 -5.65 2.22 19.06
N LEU A 420 -5.85 0.92 18.81
CA LEU A 420 -5.33 0.33 17.57
C LEU A 420 -6.03 0.91 16.35
N THR A 421 -7.35 1.12 16.42
CA THR A 421 -8.03 1.68 15.26
C THR A 421 -7.67 3.14 15.04
N GLU A 422 -7.40 3.88 16.13
CA GLU A 422 -6.85 5.22 15.99
C GLU A 422 -5.50 5.17 15.29
N PHE A 423 -4.67 4.18 15.62
CA PHE A 423 -3.39 4.03 14.94
C PHE A 423 -3.57 3.74 13.46
N VAL A 424 -4.51 2.84 13.12
CA VAL A 424 -4.66 2.44 11.72
C VAL A 424 -5.44 3.44 10.88
N TYR A 425 -6.10 4.41 11.50
CA TYR A 425 -6.82 5.43 10.74
C TYR A 425 -5.89 6.33 9.93
N LYS A 426 -4.60 6.39 10.28
CA LYS A 426 -3.66 7.30 9.65
C LYS A 426 -2.82 6.66 8.56
N THR A 427 -3.29 5.55 7.99
CA THR A 427 -2.60 4.88 6.88
C THR A 427 -3.62 4.48 5.83
N ASN A 428 -3.43 4.97 4.61
CA ASN A 428 -4.37 4.66 3.52
C ASN A 428 -3.62 4.81 2.20
N LEU A 429 -3.36 3.69 1.53
CA LEU A 429 -2.68 3.70 0.23
C LEU A 429 -3.74 3.71 -0.85
N PHE A 430 -4.25 4.91 -1.16
CA PHE A 430 -5.38 5.04 -2.07
C PHE A 430 -4.99 5.19 -3.53
N MET A 431 -3.70 5.28 -3.85
CA MET A 431 -3.30 5.43 -5.24
C MET A 431 -3.21 4.10 -5.99
N LYS A 432 -3.04 2.99 -5.28
CA LYS A 432 -2.99 1.68 -5.92
C LYS A 432 -4.29 1.31 -6.64
N PRO A 433 -5.48 1.44 -6.03
CA PRO A 433 -6.69 1.18 -6.81
C PRO A 433 -6.86 2.10 -8.00
N ILE A 434 -6.43 3.37 -7.88
CA ILE A 434 -6.50 4.29 -9.01
C ILE A 434 -5.63 3.76 -10.16
N PHE A 435 -4.40 3.35 -9.84
CA PHE A 435 -3.51 2.82 -10.87
C PHE A 435 -4.10 1.57 -11.52
N SER A 436 -4.69 0.69 -10.71
CA SER A 436 -5.27 -0.54 -11.26
C SER A 436 -6.45 -0.23 -12.18
N GLN A 437 -7.35 0.65 -11.74
CA GLN A 437 -8.50 1.01 -12.57
C GLN A 437 -8.07 1.68 -13.86
N ALA A 438 -7.05 2.55 -13.79
CA ALA A 438 -6.53 3.18 -15.00
C ALA A 438 -5.93 2.14 -15.95
N ARG A 439 -5.18 1.18 -15.42
CA ARG A 439 -4.61 0.13 -16.26
C ARG A 439 -5.69 -0.71 -16.91
N LYS A 440 -6.84 -0.87 -16.24
CA LYS A 440 -7.92 -1.67 -16.80
C LYS A 440 -8.45 -1.10 -18.12
N ALA A 441 -8.40 0.22 -18.30
CA ALA A 441 -8.93 0.85 -19.52
C ALA A 441 -8.23 2.18 -19.75
N PRO A 442 -7.11 2.18 -20.46
CA PRO A 442 -6.39 3.43 -20.71
C PRO A 442 -7.18 4.39 -21.59
N LYS A 443 -6.94 5.68 -21.38
CA LYS A 443 -7.61 6.75 -22.10
C LYS A 443 -6.58 7.62 -22.82
N ARG A 444 -7.05 8.43 -23.75
CA ARG A 444 -6.19 9.35 -24.47
C ARG A 444 -6.03 10.63 -23.66
N VAL A 445 -4.79 10.99 -23.34
CA VAL A 445 -4.48 12.16 -22.52
C VAL A 445 -3.49 13.03 -23.28
N VAL A 446 -3.83 14.29 -23.48
CA VAL A 446 -2.96 15.23 -24.18
C VAL A 446 -2.11 15.98 -23.17
N LEU A 447 -0.83 16.14 -23.47
CA LEU A 447 0.12 16.86 -22.62
C LEU A 447 0.70 18.04 -23.39
N PRO A 448 0.20 19.27 -23.17
CA PRO A 448 0.65 20.40 -24.00
C PRO A 448 2.13 20.71 -23.92
N GLU A 449 2.79 20.42 -22.80
CA GLU A 449 4.21 20.73 -22.63
C GLU A 449 5.09 19.55 -23.03
N GLY A 450 4.97 19.17 -24.31
CA GLY A 450 5.58 17.95 -24.79
C GLY A 450 7.09 17.99 -24.90
N GLU A 451 7.69 19.18 -24.90
CA GLU A 451 9.14 19.30 -25.00
C GLU A 451 9.84 19.28 -23.64
N GLU A 452 9.08 19.27 -22.54
CA GLU A 452 9.70 19.26 -21.22
C GLU A 452 10.32 17.90 -20.90
N ALA A 453 11.49 17.93 -20.26
CA ALA A 453 12.16 16.69 -19.89
C ALA A 453 11.34 15.88 -18.91
N ARG A 454 10.74 16.56 -17.91
CA ARG A 454 9.90 15.86 -16.95
C ARG A 454 8.72 15.18 -17.64
N VAL A 455 8.12 15.85 -18.63
CA VAL A 455 6.98 15.28 -19.33
C VAL A 455 7.41 14.07 -20.17
N LEU A 456 8.60 14.14 -20.78
CA LEU A 456 9.09 12.99 -21.53
C LEU A 456 9.35 11.78 -20.62
N HIS A 457 9.96 12.02 -19.45
CA HIS A 457 10.16 10.94 -18.49
C HIS A 457 8.83 10.34 -18.05
N ALA A 458 7.86 11.20 -17.74
CA ALA A 458 6.55 10.72 -17.33
C ALA A 458 5.87 9.93 -18.45
N THR A 459 6.02 10.38 -19.69
CA THR A 459 5.44 9.65 -20.82
C THR A 459 6.06 8.26 -20.95
N GLN A 460 7.38 8.18 -20.78
CA GLN A 460 8.04 6.86 -20.80
C GLN A 460 7.46 5.96 -19.72
N GLU A 461 7.32 6.49 -18.50
CA GLU A 461 6.79 5.68 -17.40
C GLU A 461 5.35 5.25 -17.68
N LEU A 462 4.51 6.17 -18.20
CA LEU A 462 3.12 5.84 -18.48
C LEU A 462 3.00 4.78 -19.57
N VAL A 463 3.85 4.87 -20.59
CA VAL A 463 3.85 3.85 -21.65
C VAL A 463 4.26 2.50 -21.07
N THR A 464 5.30 2.50 -20.22
CA THR A 464 5.77 1.24 -19.63
C THR A 464 4.69 0.60 -18.77
N LEU A 465 4.02 1.40 -17.93
CA LEU A 465 2.97 0.88 -17.07
C LEU A 465 1.64 0.64 -17.80
N GLY A 466 1.49 1.16 -19.02
CA GLY A 466 0.24 0.99 -19.74
C GLY A 466 -0.94 1.70 -19.11
N LEU A 467 -0.74 2.92 -18.61
CA LEU A 467 -1.81 3.65 -17.96
C LEU A 467 -2.66 4.49 -18.91
N ALA A 468 -2.04 5.06 -19.95
CA ALA A 468 -2.76 5.96 -20.83
C ALA A 468 -2.09 5.98 -22.20
N LYS A 469 -2.82 6.49 -23.19
CA LYS A 469 -2.28 6.71 -24.52
C LYS A 469 -1.96 8.20 -24.66
N PRO A 470 -0.69 8.59 -24.58
CA PRO A 470 -0.36 10.02 -24.51
C PRO A 470 -0.28 10.67 -25.89
N ILE A 471 -0.62 11.95 -25.92
CA ILE A 471 -0.48 12.79 -27.11
C ILE A 471 0.33 14.02 -26.70
N LEU A 472 1.45 14.24 -27.36
CA LEU A 472 2.37 15.32 -27.02
C LEU A 472 2.25 16.44 -28.05
N ILE A 473 2.26 17.67 -27.58
CA ILE A 473 2.23 18.86 -28.43
C ILE A 473 3.58 19.54 -28.35
N GLY A 474 4.20 19.77 -29.50
CA GLY A 474 5.47 20.47 -29.54
C GLY A 474 6.13 20.32 -30.89
N ARG A 475 7.34 20.86 -30.98
CA ARG A 475 8.13 20.76 -32.20
C ARG A 475 8.76 19.37 -32.28
N PRO A 476 8.48 18.60 -33.35
CA PRO A 476 9.01 17.23 -33.41
C PRO A 476 10.53 17.14 -33.33
N ASN A 477 11.26 18.06 -33.97
CA ASN A 477 12.72 17.96 -33.94
C ASN A 477 13.25 18.10 -32.51
N VAL A 478 12.72 19.07 -31.76
CA VAL A 478 13.14 19.25 -30.37
C VAL A 478 12.81 18.03 -29.54
N ILE A 479 11.61 17.47 -29.72
CA ILE A 479 11.18 16.34 -28.90
C ILE A 479 12.05 15.12 -29.16
N GLU A 480 12.30 14.80 -30.44
CA GLU A 480 13.18 13.68 -30.76
C GLU A 480 14.61 13.91 -30.26
N MET A 481 15.15 15.12 -30.43
CA MET A 481 16.51 15.36 -29.98
C MET A 481 16.63 15.23 -28.46
N ARG A 482 15.64 15.74 -27.72
CA ARG A 482 15.67 15.63 -26.26
C ARG A 482 15.44 14.19 -25.81
N ILE A 483 14.61 13.43 -26.53
CA ILE A 483 14.43 12.01 -26.20
C ILE A 483 15.75 11.26 -26.38
N GLN A 484 16.47 11.55 -27.46
CA GLN A 484 17.77 10.91 -27.66
C GLN A 484 18.77 11.33 -26.59
N LYS A 485 18.76 12.61 -26.22
CA LYS A 485 19.69 13.09 -25.20
C LYS A 485 19.41 12.45 -23.85
N LEU A 486 18.14 12.28 -23.50
CA LEU A 486 17.76 11.64 -22.24
C LEU A 486 17.82 10.12 -22.31
N GLY A 487 18.05 9.55 -23.49
CA GLY A 487 18.18 8.11 -23.63
C GLY A 487 16.92 7.31 -23.38
N LEU A 488 15.77 7.83 -23.79
CA LEU A 488 14.51 7.13 -23.62
C LEU A 488 14.25 6.21 -24.81
N GLN A 489 13.34 5.25 -24.62
CA GLN A 489 13.01 4.26 -25.63
C GLN A 489 11.69 4.55 -26.34
N ILE A 490 10.97 5.60 -25.94
CA ILE A 490 9.70 5.92 -26.58
C ILE A 490 9.95 6.43 -27.99
N LYS A 491 9.11 5.99 -28.92
CA LYS A 491 9.20 6.37 -30.33
C LYS A 491 7.92 7.06 -30.76
N ALA A 492 8.06 8.19 -31.45
CA ALA A 492 6.90 8.94 -31.92
C ALA A 492 6.13 8.13 -32.96
N GLY A 493 4.80 8.15 -32.84
CA GLY A 493 3.92 7.42 -33.72
C GLY A 493 3.57 6.03 -33.25
N VAL A 494 4.48 5.36 -32.54
CA VAL A 494 4.22 4.01 -32.03
C VAL A 494 3.82 4.08 -30.57
N ASP A 495 4.73 4.58 -29.73
CA ASP A 495 4.44 4.68 -28.30
C ASP A 495 3.52 5.87 -28.01
N PHE A 496 3.67 6.97 -28.74
CA PHE A 496 2.91 8.18 -28.48
C PHE A 496 2.74 8.95 -29.78
N GLU A 497 1.78 9.88 -29.79
CA GLU A 497 1.47 10.69 -30.96
C GLU A 497 1.93 12.12 -30.73
N ILE A 498 2.59 12.70 -31.73
CA ILE A 498 3.05 14.08 -31.67
C ILE A 498 2.11 14.95 -32.49
N VAL A 499 1.69 16.07 -31.91
CA VAL A 499 0.95 17.11 -32.62
C VAL A 499 1.91 18.28 -32.80
N ASN A 500 2.24 18.58 -34.05
CA ASN A 500 3.16 19.67 -34.36
C ASN A 500 2.38 20.98 -34.29
N ASN A 501 2.75 21.83 -33.32
CA ASN A 501 2.04 23.10 -33.16
C ASN A 501 2.38 24.10 -34.25
N GLU A 502 3.48 23.89 -34.99
CA GLU A 502 3.84 24.75 -36.10
C GLU A 502 3.24 24.31 -37.43
N SER A 503 2.66 23.12 -37.51
CA SER A 503 2.07 22.63 -38.76
C SER A 503 1.18 21.44 -38.46
N ASP A 504 -0.10 21.54 -38.87
CA ASP A 504 -1.05 20.45 -38.70
C ASP A 504 -2.21 20.69 -39.64
N PRO A 505 -2.75 19.65 -40.28
CA PRO A 505 -3.85 19.87 -41.25
C PRO A 505 -5.17 20.30 -40.60
N ARG A 506 -5.29 20.26 -39.27
CA ARG A 506 -6.51 20.63 -38.59
C ARG A 506 -6.46 22.06 -38.04
N PHE A 507 -5.56 22.89 -38.55
CA PHE A 507 -5.36 24.23 -38.00
C PHE A 507 -6.62 25.09 -38.17
N LYS A 508 -7.21 25.05 -39.37
CA LYS A 508 -8.34 25.92 -39.67
C LYS A 508 -9.55 25.59 -38.80
N GLU A 509 -9.89 24.30 -38.69
CA GLU A 509 -11.02 23.90 -37.85
C GLU A 509 -10.79 24.28 -36.39
N TYR A 510 -9.57 24.07 -35.89
CA TYR A 510 -9.28 24.36 -34.50
C TYR A 510 -9.42 25.85 -34.19
N TRP A 511 -8.79 26.71 -35.01
CA TRP A 511 -8.87 28.13 -34.70
C TRP A 511 -10.27 28.68 -34.98
N THR A 512 -10.99 28.12 -35.96
CA THR A 512 -12.37 28.54 -36.18
C THR A 512 -13.24 28.21 -34.98
N GLU A 513 -13.08 27.01 -34.40
CA GLU A 513 -13.84 26.67 -33.20
C GLU A 513 -13.49 27.58 -32.03
N TYR A 514 -12.20 27.87 -31.86
CA TYR A 514 -11.81 28.77 -30.77
C TYR A 514 -12.39 30.16 -30.96
N PHE A 515 -12.38 30.67 -32.19
CA PHE A 515 -13.00 31.97 -32.46
C PHE A 515 -14.50 31.93 -32.19
N GLN A 516 -15.18 30.86 -32.59
CA GLN A 516 -16.60 30.76 -32.30
C GLN A 516 -16.86 30.77 -30.80
N ILE A 517 -15.93 30.22 -30.01
CA ILE A 517 -16.10 30.26 -28.56
C ILE A 517 -15.86 31.67 -28.01
N MET A 518 -14.84 32.38 -28.52
CA MET A 518 -14.36 33.59 -27.85
C MET A 518 -14.56 34.88 -28.65
N LYS A 519 -15.44 34.88 -29.66
CA LYS A 519 -15.57 36.06 -30.51
C LYS A 519 -16.10 37.26 -29.74
N ARG A 520 -17.05 37.04 -28.84
CA ARG A 520 -17.57 38.13 -28.00
C ARG A 520 -16.86 38.22 -26.67
N ARG A 521 -15.65 37.66 -26.57
CA ARG A 521 -14.82 37.80 -25.39
C ARG A 521 -13.45 38.38 -25.74
N GLY A 522 -13.40 39.27 -26.72
CA GLY A 522 -12.20 40.01 -27.03
C GLY A 522 -11.20 39.33 -27.93
N VAL A 523 -11.59 38.27 -28.64
CA VAL A 523 -10.67 37.52 -29.50
C VAL A 523 -11.12 37.67 -30.94
N THR A 524 -10.27 38.30 -31.76
CA THR A 524 -10.52 38.37 -33.19
C THR A 524 -10.06 37.08 -33.87
N GLN A 525 -10.32 36.98 -35.17
CA GLN A 525 -9.90 35.80 -35.93
C GLN A 525 -8.39 35.68 -35.99
N GLU A 526 -7.69 36.81 -36.18
CA GLU A 526 -6.24 36.80 -36.21
C GLU A 526 -5.66 36.40 -34.85
N GLN A 527 -6.26 36.89 -33.77
CA GLN A 527 -5.81 36.50 -32.43
C GLN A 527 -6.05 35.01 -32.20
N ALA A 528 -7.17 34.47 -32.69
CA ALA A 528 -7.41 33.04 -32.58
C ALA A 528 -6.37 32.24 -33.36
N GLN A 529 -6.00 32.73 -34.55
CA GLN A 529 -4.96 32.05 -35.32
C GLN A 529 -3.62 32.06 -34.59
N ARG A 530 -3.28 33.17 -33.95
CA ARG A 530 -2.04 33.22 -33.17
C ARG A 530 -2.12 32.28 -31.96
N ALA A 531 -3.28 32.23 -31.30
CA ALA A 531 -3.44 31.40 -30.12
C ALA A 531 -3.33 29.91 -30.45
N LEU A 532 -3.85 29.49 -31.60
CA LEU A 532 -3.76 28.09 -31.97
C LEU A 532 -2.36 27.68 -32.43
N ILE A 533 -1.40 28.61 -32.42
CA ILE A 533 -0.01 28.30 -32.71
C ILE A 533 0.87 28.43 -31.47
N SER A 534 0.66 29.49 -30.68
CA SER A 534 1.57 29.81 -29.59
C SER A 534 1.08 29.33 -28.22
N ASN A 535 -0.14 28.80 -28.11
CA ASN A 535 -0.71 28.40 -26.82
C ASN A 535 -1.10 26.93 -26.88
N PRO A 536 -0.20 26.02 -26.45
CA PRO A 536 -0.53 24.59 -26.48
C PRO A 536 -1.71 24.20 -25.60
N THR A 537 -1.95 24.94 -24.50
CA THR A 537 -3.11 24.65 -23.66
C THR A 537 -4.41 24.82 -24.44
N VAL A 538 -4.49 25.84 -25.29
CA VAL A 538 -5.68 26.04 -26.12
C VAL A 538 -5.84 24.89 -27.10
N ILE A 539 -4.74 24.43 -27.70
CA ILE A 539 -4.79 23.31 -28.63
C ILE A 539 -5.32 22.07 -27.93
N GLY A 540 -4.79 21.78 -26.74
CA GLY A 540 -5.25 20.61 -26.00
C GLY A 540 -6.70 20.71 -25.58
N ALA A 541 -7.13 21.90 -25.14
CA ALA A 541 -8.51 22.09 -24.72
C ALA A 541 -9.48 21.91 -25.88
N ILE A 542 -9.14 22.47 -27.05
CA ILE A 542 -9.98 22.27 -28.23
C ILE A 542 -10.00 20.79 -28.62
N MET A 543 -8.85 20.13 -28.55
CA MET A 543 -8.79 18.69 -28.82
C MET A 543 -9.75 17.92 -27.92
N VAL A 544 -9.73 18.22 -26.62
CA VAL A 544 -10.61 17.53 -25.68
C VAL A 544 -12.08 17.82 -26.00
N GLN A 545 -12.40 19.09 -26.24
CA GLN A 545 -13.78 19.47 -26.52
C GLN A 545 -14.30 18.82 -27.81
N ARG A 546 -13.41 18.57 -28.77
CA ARG A 546 -13.80 17.95 -30.04
C ARG A 546 -13.90 16.43 -29.96
N GLY A 547 -13.50 15.82 -28.86
CA GLY A 547 -13.55 14.38 -28.73
C GLY A 547 -12.37 13.62 -29.29
N GLU A 548 -11.30 14.30 -29.67
CA GLU A 548 -10.08 13.64 -30.11
C GLU A 548 -9.14 13.32 -28.95
N ALA A 549 -9.53 13.66 -27.72
CA ALA A 549 -8.82 13.27 -26.52
C ALA A 549 -9.82 13.21 -25.38
N ASP A 550 -9.47 12.47 -24.33
CA ASP A 550 -10.37 12.28 -23.21
C ASP A 550 -10.02 13.13 -21.99
N ALA A 551 -8.76 13.54 -21.84
CA ALA A 551 -8.35 14.34 -20.69
C ALA A 551 -7.10 15.11 -21.06
N MET A 552 -6.75 16.08 -20.22
CA MET A 552 -5.56 16.89 -20.43
C MET A 552 -4.88 17.18 -19.09
N ILE A 553 -3.55 17.08 -19.09
CA ILE A 553 -2.72 17.48 -17.96
C ILE A 553 -1.80 18.58 -18.45
N CYS A 554 -1.91 19.77 -17.86
CA CYS A 554 -1.14 20.94 -18.29
C CYS A 554 -0.62 21.67 -17.06
N GLY A 555 0.14 22.73 -17.31
CA GLY A 555 0.57 23.63 -16.26
C GLY A 555 1.97 23.42 -15.73
N THR A 556 2.78 22.57 -16.36
CA THR A 556 4.15 22.41 -15.88
C THR A 556 5.05 23.57 -16.26
N VAL A 557 4.58 24.48 -17.11
CA VAL A 557 5.29 25.72 -17.45
C VAL A 557 4.29 26.86 -17.38
N GLY A 558 4.70 27.95 -16.74
CA GLY A 558 3.87 29.15 -16.68
C GLY A 558 3.10 29.28 -15.39
N ASP A 559 2.15 30.21 -15.41
CA ASP A 559 1.33 30.52 -14.26
C ASP A 559 0.01 29.74 -14.31
N TYR A 560 -0.52 29.42 -13.12
CA TYR A 560 -1.70 28.57 -13.03
C TYR A 560 -2.90 29.21 -13.73
N HIS A 561 -3.10 30.52 -13.56
CA HIS A 561 -4.32 31.14 -14.04
C HIS A 561 -4.32 31.31 -15.55
N GLU A 562 -3.15 31.38 -16.18
CA GLU A 562 -3.11 31.43 -17.64
C GLU A 562 -3.66 30.15 -18.26
N HIS A 563 -3.47 29.00 -17.61
CA HIS A 563 -4.09 27.76 -18.09
C HIS A 563 -5.54 27.65 -17.61
N PHE A 564 -5.80 28.06 -16.37
CA PHE A 564 -7.15 27.92 -15.82
C PHE A 564 -8.15 28.76 -16.60
N SER A 565 -7.76 29.95 -17.03
CA SER A 565 -8.69 30.80 -17.79
C SER A 565 -9.09 30.13 -19.09
N VAL A 566 -8.13 29.52 -19.79
CA VAL A 566 -8.43 28.79 -21.02
C VAL A 566 -9.39 27.63 -20.72
N VAL A 567 -9.07 26.86 -19.67
CA VAL A 567 -9.89 25.70 -19.33
C VAL A 567 -11.33 26.13 -19.01
N LYS A 568 -11.48 27.20 -18.22
CA LYS A 568 -12.80 27.70 -17.87
C LYS A 568 -13.55 28.22 -19.09
N ASN A 569 -12.87 28.94 -19.98
CA ASN A 569 -13.53 29.47 -21.17
C ASN A 569 -14.02 28.35 -22.08
N VAL A 570 -13.18 27.35 -22.33
CA VAL A 570 -13.52 26.32 -23.30
C VAL A 570 -14.51 25.32 -22.73
N PHE A 571 -14.24 24.82 -21.52
CA PHE A 571 -15.08 23.77 -20.94
C PHE A 571 -16.28 24.32 -20.18
N GLY A 572 -16.06 25.32 -19.32
CA GLY A 572 -17.11 25.80 -18.45
C GLY A 572 -17.24 24.96 -17.19
N TYR A 573 -18.21 25.34 -16.36
CA TYR A 573 -18.46 24.63 -15.12
C TYR A 573 -19.30 23.37 -15.36
N ARG A 574 -19.19 22.43 -14.44
CA ARG A 574 -20.06 21.27 -14.44
C ARG A 574 -21.49 21.71 -14.11
N ASP A 575 -22.46 20.96 -14.64
CA ASP A 575 -23.87 21.32 -14.46
C ASP A 575 -24.24 21.38 -12.99
N GLY A 576 -24.88 22.45 -12.58
CA GLY A 576 -25.24 22.64 -11.19
C GLY A 576 -24.14 23.19 -10.32
N VAL A 577 -23.08 23.72 -10.91
CA VAL A 577 -21.92 24.23 -10.19
C VAL A 577 -21.60 25.63 -10.70
N HIS A 578 -21.28 26.54 -9.78
CA HIS A 578 -20.98 27.92 -10.14
C HIS A 578 -19.58 28.38 -9.72
N THR A 579 -18.77 27.50 -9.14
CA THR A 579 -17.43 27.88 -8.72
C THR A 579 -16.51 26.67 -8.82
N ALA A 580 -15.21 26.95 -8.89
CA ALA A 580 -14.20 25.90 -8.97
C ALA A 580 -13.16 26.11 -7.88
N GLY A 581 -12.44 25.04 -7.56
CA GLY A 581 -11.39 25.10 -6.56
C GLY A 581 -10.36 24.02 -6.79
N ALA A 582 -9.20 24.19 -6.15
CA ALA A 582 -8.09 23.25 -6.26
C ALA A 582 -7.74 22.70 -4.88
N MET A 583 -7.45 21.40 -4.83
CA MET A 583 -7.12 20.70 -3.59
C MET A 583 -5.75 20.05 -3.72
N ASN A 584 -4.93 20.24 -2.69
CA ASN A 584 -3.59 19.63 -2.61
C ASN A 584 -3.56 18.65 -1.45
N ALA A 585 -2.80 17.56 -1.63
CA ALA A 585 -2.76 16.47 -0.66
C ALA A 585 -1.37 16.39 0.00
N LEU A 586 -1.37 16.09 1.30
CA LEU A 586 -0.14 15.93 2.07
C LEU A 586 -0.28 14.71 2.98
N LEU A 587 0.84 14.06 3.25
CA LEU A 587 0.89 12.95 4.19
C LEU A 587 1.58 13.45 5.45
N LEU A 588 0.79 13.74 6.47
CA LEU A 588 1.26 14.22 7.76
C LEU A 588 1.28 13.08 8.77
N PRO A 589 1.89 13.28 9.94
CA PRO A 589 1.84 12.24 10.97
C PRO A 589 0.42 11.84 11.37
N SER A 590 -0.54 12.75 11.26
CA SER A 590 -1.93 12.42 11.57
C SER A 590 -2.64 11.70 10.43
N GLY A 591 -2.01 11.55 9.27
CA GLY A 591 -2.57 10.83 8.15
C GLY A 591 -2.62 11.69 6.90
N ASN A 592 -3.30 11.15 5.88
CA ASN A 592 -3.51 11.90 4.64
C ASN A 592 -4.34 13.15 4.92
N THR A 593 -3.84 14.29 4.46
CA THR A 593 -4.46 15.58 4.75
C THR A 593 -4.61 16.37 3.46
N PHE A 594 -5.79 16.95 3.25
CA PHE A 594 -6.11 17.71 2.05
C PHE A 594 -6.37 19.16 2.41
N ILE A 595 -5.79 20.07 1.62
CA ILE A 595 -5.96 21.51 1.81
C ILE A 595 -6.69 22.05 0.59
N ALA A 596 -7.78 22.77 0.82
CA ALA A 596 -8.74 23.10 -0.23
C ALA A 596 -8.63 24.56 -0.65
N ASP A 597 -8.81 24.79 -1.96
CA ASP A 597 -8.72 26.11 -2.58
C ASP A 597 -7.34 26.74 -2.39
N THR A 598 -6.35 26.08 -3.00
CA THR A 598 -4.99 26.59 -3.00
C THR A 598 -4.66 27.46 -4.21
N TYR A 599 -5.46 27.40 -5.29
CA TYR A 599 -5.06 28.04 -6.54
C TYR A 599 -6.14 28.84 -7.27
N VAL A 600 -7.43 28.61 -7.02
CA VAL A 600 -8.44 29.21 -7.88
C VAL A 600 -8.91 30.56 -7.37
N ASN A 601 -9.51 30.61 -6.18
CA ASN A 601 -10.20 31.78 -5.69
C ASN A 601 -9.32 32.54 -4.71
N ASP A 602 -9.09 33.83 -5.00
CA ASP A 602 -8.27 34.65 -4.11
C ASP A 602 -8.97 34.88 -2.77
N GLU A 603 -10.27 35.16 -2.78
CA GLU A 603 -11.02 35.46 -1.57
C GLU A 603 -12.46 35.01 -1.73
N PRO A 604 -12.73 33.72 -1.58
CA PRO A 604 -14.10 33.23 -1.74
C PRO A 604 -15.01 33.74 -0.63
N ASP A 605 -16.28 33.93 -0.97
CA ASP A 605 -17.28 34.29 0.02
C ASP A 605 -17.88 33.02 0.62
N ALA A 606 -18.90 33.17 1.47
CA ALA A 606 -19.43 32.04 2.22
C ALA A 606 -20.02 30.97 1.31
N GLU A 607 -20.79 31.38 0.31
CA GLU A 607 -21.39 30.41 -0.61
C GLU A 607 -20.33 29.66 -1.40
N GLU A 608 -19.31 30.38 -1.88
CA GLU A 608 -18.21 29.74 -2.60
C GLU A 608 -17.47 28.76 -1.70
N LEU A 609 -17.24 29.15 -0.44
CA LEU A 609 -16.58 28.26 0.51
C LEU A 609 -17.40 27.00 0.74
N ALA A 610 -18.72 27.14 0.87
CA ALA A 610 -19.57 25.97 1.08
C ALA A 610 -19.52 25.04 -0.13
N GLU A 611 -19.58 25.59 -1.35
CA GLU A 611 -19.49 24.76 -2.55
C GLU A 611 -18.14 24.05 -2.62
N ILE A 612 -17.06 24.76 -2.31
CA ILE A 612 -15.74 24.15 -2.31
C ILE A 612 -15.66 23.02 -1.30
N THR A 613 -16.22 23.23 -0.10
CA THR A 613 -16.20 22.20 0.93
C THR A 613 -16.95 20.96 0.48
N LEU A 614 -18.13 21.14 -0.11
CA LEU A 614 -18.90 19.98 -0.58
C LEU A 614 -18.16 19.21 -1.67
N MET A 615 -17.59 19.94 -2.64
CA MET A 615 -16.86 19.26 -3.71
C MET A 615 -15.63 18.51 -3.16
N ALA A 616 -14.91 19.13 -2.23
CA ALA A 616 -13.75 18.47 -1.64
C ALA A 616 -14.16 17.23 -0.87
N ALA A 617 -15.26 17.30 -0.12
CA ALA A 617 -15.73 16.13 0.62
C ALA A 617 -16.09 14.99 -0.33
N GLU A 618 -16.80 15.30 -1.43
CA GLU A 618 -17.14 14.26 -2.39
C GLU A 618 -15.90 13.65 -3.03
N THR A 619 -14.93 14.50 -3.41
CA THR A 619 -13.70 14.00 -4.02
C THR A 619 -12.93 13.09 -3.08
N VAL A 620 -12.80 13.50 -1.81
CA VAL A 620 -12.09 12.68 -0.84
C VAL A 620 -12.84 11.37 -0.60
N ARG A 621 -14.18 11.43 -0.61
CA ARG A 621 -14.97 10.20 -0.48
C ARG A 621 -14.69 9.23 -1.62
N ARG A 622 -14.52 9.76 -2.83
CA ARG A 622 -14.20 8.89 -3.96
C ARG A 622 -12.84 8.20 -3.82
N PHE A 623 -11.94 8.74 -3.01
CA PHE A 623 -10.65 8.10 -2.77
C PHE A 623 -10.73 6.94 -1.79
N GLY A 624 -11.87 6.74 -1.13
CA GLY A 624 -11.99 5.74 -0.10
C GLY A 624 -11.72 6.22 1.31
N ILE A 625 -11.71 7.54 1.53
CA ILE A 625 -11.40 8.12 2.83
C ILE A 625 -12.65 8.82 3.34
N GLU A 626 -12.99 8.60 4.60
CA GLU A 626 -14.11 9.29 5.21
C GLU A 626 -13.75 10.76 5.42
N PRO A 627 -14.50 11.70 4.86
CA PRO A 627 -14.14 13.11 5.02
C PRO A 627 -14.47 13.63 6.41
N ARG A 628 -13.53 14.38 6.99
CA ARG A 628 -13.70 15.06 8.27
C ARG A 628 -13.18 16.48 8.09
N VAL A 629 -14.09 17.43 7.96
CA VAL A 629 -13.77 18.79 7.52
C VAL A 629 -13.58 19.69 8.73
N ALA A 630 -12.59 20.56 8.67
CA ALA A 630 -12.40 21.63 9.65
C ALA A 630 -12.26 22.95 8.91
N LEU A 631 -13.02 23.95 9.35
CA LEU A 631 -12.91 25.30 8.81
C LEU A 631 -11.93 26.09 9.67
N LEU A 632 -10.84 26.56 9.05
CA LEU A 632 -9.72 27.13 9.78
C LEU A 632 -9.81 28.65 9.82
N SER A 633 -9.31 29.22 10.91
CA SER A 633 -9.24 30.66 11.09
C SER A 633 -8.27 30.97 12.21
N HIS A 634 -7.82 32.22 12.27
CA HIS A 634 -7.09 32.67 13.44
C HIS A 634 -8.01 32.86 14.65
N SER A 635 -9.32 32.84 14.43
CA SER A 635 -10.29 32.87 15.51
C SER A 635 -10.66 31.45 15.92
N ASN A 636 -10.71 31.20 17.22
CA ASN A 636 -10.98 29.88 17.79
C ASN A 636 -12.38 29.88 18.40
N PHE A 637 -13.37 29.42 17.62
CA PHE A 637 -14.74 29.27 18.07
C PHE A 637 -15.33 30.60 18.57
N GLY A 638 -15.26 31.62 17.72
CA GLY A 638 -15.88 32.90 18.02
C GLY A 638 -15.05 33.85 18.85
N SER A 639 -13.75 33.62 19.00
CA SER A 639 -12.91 34.50 19.79
C SER A 639 -12.56 35.80 19.08
N SER A 640 -12.79 35.90 17.78
CA SER A 640 -12.55 37.11 17.02
C SER A 640 -13.77 37.43 16.18
N ASP A 641 -13.92 38.70 15.83
CA ASP A 641 -15.07 39.18 15.08
C ASP A 641 -14.66 39.87 13.77
N CYS A 642 -13.52 39.48 13.21
CA CYS A 642 -13.16 39.95 11.89
C CYS A 642 -14.10 39.36 10.85
N PRO A 643 -14.26 40.03 9.70
CA PRO A 643 -15.20 39.52 8.68
C PRO A 643 -14.84 38.13 8.19
N SER A 644 -13.57 37.75 8.20
CA SER A 644 -13.17 36.41 7.76
C SER A 644 -13.77 35.33 8.66
N SER A 645 -13.71 35.53 9.98
CA SER A 645 -14.27 34.54 10.90
C SER A 645 -15.77 34.41 10.75
N SER A 646 -16.47 35.55 10.59
CA SER A 646 -17.91 35.51 10.36
C SER A 646 -18.23 34.80 9.06
N LYS A 647 -17.42 35.01 8.02
CA LYS A 647 -17.60 34.30 6.76
C LYS A 647 -17.45 32.80 6.94
N MET A 648 -16.44 32.38 7.71
CA MET A 648 -16.28 30.95 7.99
C MET A 648 -17.48 30.39 8.74
N ARG A 649 -18.00 31.13 9.71
CA ARG A 649 -19.18 30.67 10.45
C ARG A 649 -20.39 30.53 9.53
N GLN A 650 -20.60 31.52 8.65
CA GLN A 650 -21.71 31.45 7.71
C GLN A 650 -21.57 30.27 6.76
N ALA A 651 -20.34 30.02 6.28
CA ALA A 651 -20.09 28.87 5.43
C ALA A 651 -20.39 27.57 6.17
N LEU A 652 -20.05 27.51 7.46
CA LEU A 652 -20.38 26.33 8.26
C LEU A 652 -21.89 26.12 8.30
N GLU A 653 -22.65 27.19 8.53
CA GLU A 653 -24.10 27.07 8.56
C GLU A 653 -24.64 26.57 7.22
N LEU A 654 -24.12 27.12 6.12
CA LEU A 654 -24.57 26.71 4.79
C LEU A 654 -24.25 25.23 4.54
N VAL A 655 -23.04 24.80 4.89
CA VAL A 655 -22.66 23.41 4.68
C VAL A 655 -23.54 22.48 5.49
N ARG A 656 -23.80 22.84 6.75
CA ARG A 656 -24.69 22.03 7.57
C ARG A 656 -26.09 21.95 6.95
N GLU A 657 -26.57 23.05 6.39
CA GLU A 657 -27.88 23.03 5.74
C GLU A 657 -27.88 22.09 4.53
N ARG A 658 -26.82 22.13 3.72
CA ARG A 658 -26.80 21.40 2.46
C ARG A 658 -26.34 19.96 2.57
N ALA A 659 -25.72 19.55 3.68
CA ALA A 659 -25.21 18.19 3.84
C ALA A 659 -25.21 17.82 5.31
N PRO A 660 -26.36 17.38 5.83
CA PRO A 660 -26.44 17.06 7.27
C PRO A 660 -25.61 15.86 7.69
N GLU A 661 -25.19 15.01 6.76
CA GLU A 661 -24.47 13.78 7.08
C GLU A 661 -22.96 13.95 7.16
N LEU A 662 -22.45 15.14 6.86
CA LEU A 662 -21.01 15.35 6.76
C LEU A 662 -20.43 15.78 8.11
N MET A 663 -19.30 15.17 8.48
CA MET A 663 -18.58 15.55 9.69
C MET A 663 -17.82 16.84 9.44
N ILE A 664 -18.11 17.88 10.23
CA ILE A 664 -17.50 19.20 10.02
C ILE A 664 -17.68 20.01 11.29
N ASP A 665 -16.71 20.88 11.58
CA ASP A 665 -16.81 21.84 12.66
C ASP A 665 -15.91 23.03 12.37
N GLY A 666 -16.10 24.09 13.14
CA GLY A 666 -15.36 25.33 12.96
C GLY A 666 -16.17 26.49 13.49
N GLU A 667 -15.58 27.68 13.40
CA GLU A 667 -14.22 27.92 12.94
C GLU A 667 -13.23 27.70 14.08
N MET A 668 -12.00 27.26 13.75
CA MET A 668 -11.06 26.85 14.79
C MET A 668 -9.63 26.99 14.28
N HIS A 669 -8.69 26.94 15.21
CA HIS A 669 -7.28 26.95 14.89
C HIS A 669 -6.84 25.62 14.29
N GLY A 670 -5.67 25.64 13.65
CA GLY A 670 -5.17 24.43 13.00
C GLY A 670 -4.81 23.32 13.97
N ASP A 671 -4.20 23.68 15.10
CA ASP A 671 -3.81 22.66 16.08
C ASP A 671 -5.05 21.96 16.64
N ALA A 672 -6.11 22.72 16.94
CA ALA A 672 -7.36 22.10 17.39
C ALA A 672 -7.95 21.20 16.30
N ALA A 673 -7.75 21.56 15.03
CA ALA A 673 -8.25 20.71 13.95
C ALA A 673 -7.48 19.40 13.87
N LEU A 674 -6.17 19.43 14.15
CA LEU A 674 -5.36 18.23 13.98
C LEU A 674 -5.18 17.42 15.27
N VAL A 675 -5.24 18.05 16.43
CA VAL A 675 -5.00 17.37 17.71
C VAL A 675 -6.30 17.32 18.48
N GLU A 676 -6.77 16.10 18.78
CA GLU A 676 -8.06 15.93 19.42
C GLU A 676 -8.07 16.45 20.85
N ALA A 677 -6.95 16.33 21.58
CA ALA A 677 -6.93 16.76 22.97
C ALA A 677 -7.18 18.25 23.11
N ILE A 678 -6.57 19.06 22.26
CA ILE A 678 -6.77 20.51 22.31
C ILE A 678 -8.22 20.87 22.05
N ARG A 679 -8.81 20.25 21.01
CA ARG A 679 -10.20 20.52 20.68
C ARG A 679 -11.14 20.08 21.80
N ASN A 680 -10.87 18.92 22.40
CA ASN A 680 -11.69 18.44 23.51
C ASN A 680 -11.59 19.40 24.70
N ASP A 681 -10.40 19.95 24.94
CA ASP A 681 -10.27 20.94 26.00
C ASP A 681 -11.10 22.18 25.70
N ARG A 682 -11.09 22.65 24.45
CA ARG A 682 -11.81 23.89 24.13
C ARG A 682 -13.31 23.65 23.93
N MET A 683 -13.68 22.60 23.19
CA MET A 683 -15.07 22.35 22.82
C MET A 683 -15.39 20.88 23.06
N PRO A 684 -15.83 20.53 24.28
CA PRO A 684 -16.04 19.11 24.61
C PRO A 684 -17.05 18.40 23.72
N ASP A 685 -18.08 19.09 23.24
CA ASP A 685 -19.15 18.46 22.49
C ASP A 685 -19.03 18.69 20.98
N SER A 686 -17.81 18.95 20.49
CA SER A 686 -17.62 19.17 19.06
C SER A 686 -18.02 17.93 18.25
N SER A 687 -18.66 18.16 17.10
CA SER A 687 -19.06 17.06 16.24
C SER A 687 -17.88 16.46 15.49
N LEU A 688 -16.77 17.17 15.37
CA LEU A 688 -15.58 16.64 14.72
C LEU A 688 -14.86 15.68 15.66
N LYS A 689 -14.64 14.46 15.19
CA LYS A 689 -13.99 13.42 15.97
C LYS A 689 -12.63 13.08 15.37
N GLY A 690 -11.64 12.84 16.24
CA GLY A 690 -10.31 12.48 15.76
C GLY A 690 -9.60 13.67 15.14
N SER A 691 -8.86 13.41 14.07
CA SER A 691 -8.11 14.42 13.34
C SER A 691 -8.81 14.70 12.01
N ALA A 692 -8.99 15.98 11.71
CA ALA A 692 -9.56 16.36 10.42
C ALA A 692 -8.59 16.03 9.30
N ASN A 693 -9.14 15.59 8.17
CA ASN A 693 -8.33 15.33 6.98
C ASN A 693 -8.63 16.30 5.83
N ILE A 694 -9.55 17.25 6.01
CA ILE A 694 -9.81 18.28 5.03
C ILE A 694 -9.78 19.63 5.75
N LEU A 695 -8.88 20.51 5.31
CA LEU A 695 -8.70 21.82 5.91
C LEU A 695 -9.08 22.88 4.88
N VAL A 696 -10.16 23.61 5.16
CA VAL A 696 -10.65 24.66 4.27
C VAL A 696 -10.18 26.00 4.79
N MET A 697 -9.52 26.77 3.94
CA MET A 697 -8.83 27.98 4.34
C MET A 697 -9.63 29.23 3.97
N PRO A 698 -9.45 30.33 4.71
CA PRO A 698 -10.25 31.52 4.44
C PRO A 698 -9.84 32.27 3.17
N ASN A 699 -8.58 32.21 2.75
CA ASN A 699 -8.14 32.94 1.58
C ASN A 699 -6.96 32.23 0.92
N MET A 700 -6.63 32.69 -0.29
CA MET A 700 -5.61 32.04 -1.11
C MET A 700 -4.26 32.02 -0.40
N GLU A 701 -3.85 33.17 0.15
CA GLU A 701 -2.48 33.31 0.66
C GLU A 701 -2.22 32.35 1.81
N ALA A 702 -3.14 32.27 2.77
CA ALA A 702 -2.97 31.35 3.88
C ALA A 702 -2.86 29.91 3.40
N ALA A 703 -3.75 29.51 2.49
CA ALA A 703 -3.74 28.14 1.98
C ALA A 703 -2.41 27.82 1.31
N ARG A 704 -1.97 28.68 0.38
CA ARG A 704 -0.76 28.39 -0.38
C ARG A 704 0.49 28.41 0.50
N ILE A 705 0.61 29.40 1.38
CA ILE A 705 1.79 29.50 2.24
C ILE A 705 1.87 28.30 3.17
N SER A 706 0.75 27.95 3.81
CA SER A 706 0.73 26.77 4.68
C SER A 706 1.09 25.52 3.91
N TYR A 707 0.50 25.34 2.72
CA TYR A 707 0.76 24.13 1.95
C TYR A 707 2.23 24.02 1.56
N ASN A 708 2.83 25.12 1.10
CA ASN A 708 4.22 25.09 0.67
C ASN A 708 5.16 24.78 1.85
N LEU A 709 4.93 25.45 2.98
CA LEU A 709 5.78 25.21 4.14
C LEU A 709 5.65 23.79 4.65
N LEU A 710 4.42 23.26 4.70
CA LEU A 710 4.22 21.89 5.15
C LEU A 710 4.83 20.89 4.17
N ARG A 711 4.71 21.16 2.87
CA ARG A 711 5.25 20.24 1.87
C ARG A 711 6.76 20.14 1.97
N VAL A 712 7.45 21.27 2.15
CA VAL A 712 8.90 21.18 2.24
C VAL A 712 9.37 20.78 3.64
N SER A 713 8.52 20.93 4.67
CA SER A 713 8.92 20.62 6.04
C SER A 713 8.45 19.25 6.50
N SER A 714 7.15 19.00 6.43
CA SER A 714 6.57 17.72 6.83
C SER A 714 6.37 16.82 5.61
N SER A 715 7.48 16.58 4.91
CA SER A 715 7.46 15.87 3.63
C SER A 715 7.47 14.37 3.85
N GLU A 716 6.43 13.69 3.36
CA GLU A 716 6.34 12.23 3.45
C GLU A 716 5.81 11.65 2.15
N GLY A 717 6.30 12.12 1.02
CA GLY A 717 5.91 11.61 -0.29
C GLY A 717 4.80 12.43 -0.93
N VAL A 718 4.51 12.09 -2.18
CA VAL A 718 3.56 12.81 -3.01
C VAL A 718 2.50 11.83 -3.51
N THR A 719 1.23 12.21 -3.41
CA THR A 719 0.14 11.40 -3.94
C THR A 719 -0.60 12.10 -5.08
N VAL A 720 -1.21 13.26 -4.83
CA VAL A 720 -1.99 13.97 -5.84
C VAL A 720 -1.99 15.45 -5.52
N GLY A 721 -2.26 16.27 -6.53
CA GLY A 721 -2.39 17.70 -6.35
C GLY A 721 -1.66 18.50 -7.40
N PRO A 722 -2.21 19.67 -7.77
CA PRO A 722 -3.50 20.23 -7.33
C PRO A 722 -4.67 19.59 -8.07
N VAL A 723 -5.69 19.13 -7.34
CA VAL A 723 -6.84 18.48 -7.95
C VAL A 723 -7.89 19.53 -8.24
N LEU A 724 -8.25 19.68 -9.51
CA LEU A 724 -9.20 20.70 -9.94
C LEU A 724 -10.61 20.12 -9.92
N MET A 725 -11.53 20.84 -9.29
CA MET A 725 -12.91 20.41 -9.13
C MET A 725 -13.85 21.49 -9.64
N GLY A 726 -14.97 21.06 -10.23
CA GLY A 726 -16.00 21.97 -10.70
C GLY A 726 -16.03 22.21 -12.20
N VAL A 727 -15.02 21.75 -12.93
CA VAL A 727 -14.93 21.96 -14.38
C VAL A 727 -15.62 20.80 -15.09
N ALA A 728 -16.18 21.09 -16.26
CA ALA A 728 -17.04 20.15 -16.97
C ALA A 728 -16.27 19.13 -17.81
N LYS A 729 -14.94 19.07 -17.73
CA LYS A 729 -14.15 18.05 -18.41
C LYS A 729 -13.01 17.59 -17.50
N PRO A 730 -12.50 16.37 -17.70
CA PRO A 730 -11.38 15.90 -16.89
C PRO A 730 -10.08 16.59 -17.27
N VAL A 731 -9.62 17.51 -16.42
CA VAL A 731 -8.41 18.28 -16.69
C VAL A 731 -7.84 18.74 -15.36
N HIS A 732 -6.51 18.80 -15.28
CA HIS A 732 -5.84 19.32 -14.10
C HIS A 732 -4.68 20.20 -14.54
N VAL A 733 -4.48 21.29 -13.80
CA VAL A 733 -3.38 22.22 -14.04
C VAL A 733 -2.34 22.00 -12.95
N LEU A 734 -1.13 21.65 -13.34
CA LEU A 734 -0.04 21.44 -12.40
C LEU A 734 0.74 22.74 -12.21
N THR A 735 1.89 22.66 -11.57
CA THR A 735 2.77 23.78 -11.28
C THR A 735 4.15 23.50 -11.85
N PRO A 736 4.98 24.54 -12.03
CA PRO A 736 6.34 24.30 -12.56
C PRO A 736 7.22 23.44 -11.66
N ILE A 737 6.90 23.29 -10.39
CA ILE A 737 7.74 22.51 -9.48
C ILE A 737 7.29 21.06 -9.43
N ALA A 738 6.35 20.69 -10.29
CA ALA A 738 5.82 19.32 -10.30
C ALA A 738 6.91 18.31 -10.67
N SER A 739 6.95 17.21 -9.93
CA SER A 739 7.91 16.15 -10.19
C SER A 739 7.31 15.12 -11.15
N VAL A 740 8.18 14.24 -11.65
CA VAL A 740 7.77 13.21 -12.60
C VAL A 740 6.70 12.32 -11.98
N ARG A 741 6.88 11.92 -10.73
CA ARG A 741 5.91 11.06 -10.06
C ARG A 741 4.57 11.75 -9.92
N ARG A 742 4.58 13.06 -9.60
CA ARG A 742 3.32 13.80 -9.50
C ARG A 742 2.60 13.83 -10.84
N ILE A 743 3.34 14.03 -11.94
CA ILE A 743 2.72 14.05 -13.26
C ILE A 743 2.09 12.70 -13.58
N VAL A 744 2.82 11.60 -13.30
CA VAL A 744 2.27 10.27 -13.57
C VAL A 744 1.00 10.03 -12.74
N ASN A 745 1.04 10.38 -11.46
CA ASN A 745 -0.13 10.20 -10.60
C ASN A 745 -1.33 10.99 -11.11
N MET A 746 -1.10 12.24 -11.50
CA MET A 746 -2.18 13.09 -11.99
C MET A 746 -2.75 12.55 -13.30
N VAL A 747 -1.90 12.03 -14.18
CA VAL A 747 -2.39 11.42 -15.42
C VAL A 747 -3.28 10.22 -15.11
N ALA A 748 -2.84 9.38 -14.16
CA ALA A 748 -3.67 8.23 -13.78
C ALA A 748 -5.02 8.66 -13.21
N LEU A 749 -5.02 9.69 -12.34
CA LEU A 749 -6.27 10.21 -11.80
C LEU A 749 -7.18 10.74 -12.90
N ALA A 750 -6.60 11.45 -13.87
CA ALA A 750 -7.39 11.98 -14.98
C ALA A 750 -7.98 10.86 -15.83
N VAL A 751 -7.21 9.79 -16.05
CA VAL A 751 -7.73 8.65 -16.80
C VAL A 751 -8.91 8.03 -16.07
N VAL A 752 -8.79 7.86 -14.75
CA VAL A 752 -9.87 7.27 -13.98
C VAL A 752 -11.11 8.17 -14.02
N GLU A 753 -10.91 9.49 -13.96
CA GLU A 753 -12.04 10.41 -14.07
C GLU A 753 -12.68 10.35 -15.45
N ALA A 754 -11.88 10.22 -16.50
CA ALA A 754 -12.43 10.15 -17.85
C ALA A 754 -13.17 8.85 -18.10
N GLN A 755 -12.81 7.78 -17.40
CA GLN A 755 -13.47 6.49 -17.64
C GLN A 755 -14.96 6.54 -17.31
N THR A 756 -15.36 7.38 -16.36
CA THR A 756 -16.74 7.45 -15.89
C THR A 756 -17.37 8.76 -16.37
N GLN A 757 -17.92 8.73 -17.59
CA GLN A 757 -18.68 9.85 -18.16
C GLN A 757 -17.86 11.14 -18.08
N PRO A 758 -16.88 11.33 -18.96
CA PRO A 758 -15.90 12.40 -18.75
C PRO A 758 -16.53 13.78 -18.87
N LEU A 759 -17.26 14.18 -17.84
CA LEU A 759 -17.88 15.49 -17.83
C LEU A 759 -17.44 16.22 -16.56
PA NAP B . 14.12 -24.69 -2.08
O1A NAP B . 15.53 -24.21 -2.11
O2A NAP B . 13.67 -25.78 -1.15
O5B NAP B . 13.78 -25.09 -3.64
C5B NAP B . 12.68 -25.91 -3.96
C4B NAP B . 13.02 -27.34 -3.61
O4B NAP B . 11.95 -28.18 -4.05
C3B NAP B . 14.30 -27.86 -4.29
O3B NAP B . 15.43 -27.80 -3.48
C2B NAP B . 13.91 -29.31 -4.63
O2B NAP B . 14.11 -30.03 -3.46
C1B NAP B . 12.41 -29.19 -4.91
N9A NAP B . 12.08 -28.90 -6.31
C8A NAP B . 12.68 -28.07 -7.21
N7A NAP B . 12.11 -28.07 -8.38
C5A NAP B . 11.07 -28.95 -8.24
C6A NAP B . 10.07 -29.39 -9.13
N6A NAP B . 9.98 -28.96 -10.40
N1A NAP B . 9.18 -30.28 -8.69
C2A NAP B . 9.27 -30.70 -7.43
N3A NAP B . 10.15 -30.35 -6.50
C4A NAP B . 11.03 -29.47 -6.97
O3 NAP B . 13.09 -23.44 -1.80
PN NAP B . 11.53 -23.46 -1.29
O1N NAP B . 10.91 -24.81 -1.48
O2N NAP B . 11.51 -22.75 0.02
O5D NAP B . 10.83 -22.52 -2.43
C5D NAP B . 10.62 -23.01 -3.73
C4D NAP B . 9.72 -22.14 -4.60
O4D NAP B . 8.58 -21.73 -3.79
C3D NAP B . 10.36 -20.86 -5.09
O3D NAP B . 9.75 -20.52 -6.30
C2D NAP B . 9.97 -19.86 -3.99
O2D NAP B . 9.92 -18.52 -4.37
C1D NAP B . 8.56 -20.36 -3.67
N1N NAP B . 8.12 -19.96 -2.30
C2N NAP B . 7.18 -19.03 -2.12
C3N NAP B . 6.77 -18.67 -0.86
C7N NAP B . 5.71 -17.63 -0.63
O7N NAP B . 5.55 -16.75 -1.46
N7N NAP B . 4.99 -17.76 0.48
C4N NAP B . 7.36 -19.30 0.24
C5N NAP B . 8.33 -20.26 0.03
C6N NAP B . 8.69 -20.59 -1.26
P2B NAP B . 15.39 -31.19 -3.42
O1X NAP B . 16.52 -30.35 -4.01
O2X NAP B . 14.90 -32.33 -4.29
O3X NAP B . 15.54 -31.52 -1.94
N1A ACO C . -6.97 28.29 -52.91
C2A ACO C . -6.46 27.49 -51.97
N3A ACO C . -5.23 27.50 -51.43
C4A ACO C . -4.48 28.47 -51.96
C5A ACO C . -4.86 29.38 -52.94
C6A ACO C . -6.18 29.27 -53.43
N6A ACO C . -6.70 30.07 -54.36
N7A ACO C . -3.82 30.24 -53.25
C8A ACO C . -2.85 29.84 -52.46
N9A ACO C . -3.17 28.78 -51.66
C1B ACO C . -2.31 28.12 -50.69
C2B ACO C . -1.23 29.02 -50.09
O2B ACO C . -0.03 28.91 -50.86
C3B ACO C . -1.05 28.37 -48.72
O3B ACO C . -0.20 27.19 -48.82
P3B ACO C . 0.56 26.64 -47.55
O7A ACO C . -0.11 27.18 -46.34
O8A ACO C . 2.03 27.07 -47.67
O9A ACO C . 0.49 25.11 -47.63
C4B ACO C . -2.46 27.93 -48.36
O4B ACO C . -3.13 27.68 -49.61
C5B ACO C . -3.24 28.96 -47.57
O5B ACO C . -4.11 28.27 -46.64
P1A ACO C . -5.45 28.93 -46.13
O1A ACO C . -6.08 28.10 -45.08
O2A ACO C . -6.33 29.20 -47.36
O3A ACO C . -4.98 30.35 -45.58
P2A ACO C . -3.80 30.90 -44.67
O4A ACO C . -2.77 31.60 -45.47
O5A ACO C . -4.44 31.75 -43.57
O6A ACO C . -3.20 29.59 -44.00
CBP ACO C . -0.90 29.47 -43.17
CCP ACO C . -1.82 29.51 -44.39
CDP ACO C . -0.62 30.91 -42.72
CEP ACO C . 0.42 28.80 -43.58
CAP ACO C . -1.52 28.67 -41.98
OAP ACO C . -2.15 27.48 -42.44
C9P ACO C . -0.53 28.35 -40.86
O9P ACO C . -0.11 29.24 -40.14
N8P ACO C . -0.16 27.08 -40.72
C7P ACO C . 0.77 26.64 -39.69
C6P ACO C . 0.16 26.63 -38.31
C5P ACO C . -0.37 25.27 -37.92
O5P ACO C . -0.63 24.42 -38.76
N4P ACO C . -0.53 25.07 -36.61
C3P ACO C . -1.02 23.81 -36.06
C2P ACO C . -1.61 23.99 -34.68
S1P ACO C . -1.94 22.38 -33.90
C ACO C . -3.53 21.99 -34.57
O ACO C . -4.09 22.69 -35.37
CH3 ACO C . -4.08 20.71 -34.03
MG MG D . 12.18 -14.87 1.99
#